data_3OAC
#
_entry.id   3OAC
#
_cell.length_a   92.842
_cell.length_b   110.110
_cell.length_c   111.500
_cell.angle_alpha   90.00
_cell.angle_beta   90.00
_cell.angle_gamma   90.00
#
_symmetry.space_group_name_H-M   'P 21 21 21'
#
loop_
_entity.id
_entity.type
_entity.pdbx_description
1 polymer 'Geranyl diphosphate synthase large subunit'
2 polymer 'Geranyl diphosphate synthase small subunit'
3 non-polymer '3-METHYLBUT-3-ENYL TRIHYDROGEN DIPHOSPHATE'
4 non-polymer 'DIMETHYLALLYL S-THIOLODIPHOSPHATE'
5 non-polymer 'MAGNESIUM ION'
6 water water
#
loop_
_entity_poly.entity_id
_entity_poly.type
_entity_poly.pdbx_seq_one_letter_code
_entity_poly.pdbx_strand_id
1 'polypeptide(L)'
;MFDFDGYMLRKAKSVNKALEAAVQMKEPLKIHESMRYSLLAGGKRVRPMLCIAACELVGGDESTAMPAACAVEMIHTMSL
MHDDLPCMDNDDLRRGKPTNHMAFGESVAVLAGDALLSFAFEHVAAATKGAPPERIVRVLGELAVSIGSEGLVAGQVVDV
CSEGMAEVGLDHLEFIHHHKTAALLQGSVVLGAILGGGKEEEVAKLRKFANCIGLLFQVVDDILDVTKSSKELGKTAGKD
LVADKTTYPKLIGVEKSKEFADRLNREAQEQLLHFHPHRAAPLIALANYIAYRDN
;
A,D
2 'polypeptide(L)'
;MQPYWAAIEADIERYLKKSITIRPPETVFGPMHHLTFAAPATAASTLCLAACELVGGDRSQAMAAAAAIHLVHAAAYVHE
HLPPAIQHKYGPNVELLTGDGIVPFGFELLAGSVDPARTDDPDRILRVIIEISRAGGPEGMISGLHREEEIVDGNTSLDF
IEYVCKKKYGEMHACGAACGAILGGAAEEEIQKLRNFGLYQGTLRGMMEMKNSHQLIDENIIGKLKELALEELGGFHGKN
AELMSSLVAEPSLYAAHHHHHHHH
;
B,C
#
loop_
_chem_comp.id
_chem_comp.type
_chem_comp.name
_chem_comp.formula
DST non-polymer 'DIMETHYLALLYL S-THIOLODIPHOSPHATE' 'C5 H12 O6 P2 S'
IPE non-polymer '3-METHYLBUT-3-ENYL TRIHYDROGEN DIPHOSPHATE' 'C5 H12 O7 P2'
MG non-polymer 'MAGNESIUM ION' 'Mg 2'
#
# COMPACT_ATOMS: atom_id res chain seq x y z
N MET A 1 -41.35 18.26 23.47
CA MET A 1 -40.42 17.89 24.59
C MET A 1 -39.27 17.01 24.05
N PHE A 2 -38.04 17.49 24.24
CA PHE A 2 -36.80 16.84 23.77
C PHE A 2 -36.72 15.29 23.85
N ASP A 3 -36.65 14.63 22.68
CA ASP A 3 -36.54 13.16 22.62
C ASP A 3 -35.06 12.82 22.60
N PHE A 4 -34.52 12.57 23.77
CA PHE A 4 -33.10 12.28 23.94
C PHE A 4 -32.68 10.98 23.25
N ASP A 5 -33.57 9.99 23.32
CA ASP A 5 -33.29 8.74 22.65
C ASP A 5 -32.96 8.99 21.18
N GLY A 6 -33.93 9.55 20.44
CA GLY A 6 -33.74 9.79 19.04
C GLY A 6 -32.53 10.63 18.78
N TYR A 7 -32.30 11.59 19.67
CA TYR A 7 -31.17 12.47 19.53
C TYR A 7 -29.90 11.60 19.50
N MET A 8 -29.71 10.81 20.56
CA MET A 8 -28.55 9.91 20.66
C MET A 8 -28.45 9.05 19.42
N LEU A 9 -29.55 8.44 18.96
CA LEU A 9 -29.48 7.65 17.72
C LEU A 9 -28.97 8.46 16.48
N ARG A 10 -29.50 9.65 16.22
CA ARG A 10 -29.01 10.42 15.08
C ARG A 10 -27.50 10.63 15.21
N LYS A 11 -27.02 11.13 16.33
CA LYS A 11 -25.59 11.38 16.42
C LYS A 11 -24.72 10.16 16.24
N ALA A 12 -25.06 9.07 16.91
CA ALA A 12 -24.31 7.82 16.80
C ALA A 12 -24.19 7.40 15.33
N LYS A 13 -25.33 7.39 14.63
CA LYS A 13 -25.34 7.04 13.20
C LYS A 13 -24.38 7.95 12.41
N SER A 14 -24.35 9.23 12.74
CA SER A 14 -23.46 10.10 12.01
C SER A 14 -22.04 9.81 12.28
N VAL A 15 -21.75 9.59 13.54
CA VAL A 15 -20.41 9.30 13.97
C VAL A 15 -19.92 7.96 13.35
N ASN A 16 -20.73 6.91 13.49
CA ASN A 16 -20.33 5.60 12.99
C ASN A 16 -20.03 5.64 11.52
N LYS A 17 -20.79 6.47 10.80
CA LYS A 17 -20.59 6.55 9.36
C LYS A 17 -19.26 7.22 9.04
N ALA A 18 -18.87 8.21 9.84
CA ALA A 18 -17.58 8.91 9.63
C ALA A 18 -16.38 8.07 10.11
N LEU A 19 -16.53 7.33 11.23
CA LEU A 19 -15.44 6.49 11.75
C LEU A 19 -15.12 5.41 10.72
N GLU A 20 -16.21 4.88 10.18
CA GLU A 20 -16.12 3.86 9.18
C GLU A 20 -15.33 4.40 7.99
N ALA A 21 -15.60 5.65 7.63
CA ALA A 21 -14.93 6.23 6.46
C ALA A 21 -13.49 6.61 6.74
N ALA A 22 -13.23 7.07 7.96
CA ALA A 22 -11.90 7.50 8.35
C ALA A 22 -10.98 6.31 8.55
N VAL A 23 -11.50 5.19 9.03
CA VAL A 23 -10.65 4.01 9.25
C VAL A 23 -11.01 2.83 8.40
N GLN A 24 -10.33 2.74 7.28
CA GLN A 24 -10.51 1.71 6.26
C GLN A 24 -9.52 0.56 6.22
N MET A 25 -9.93 -0.54 5.60
CA MET A 25 -9.04 -1.68 5.39
C MET A 25 -7.99 -1.37 4.31
N LYS A 26 -6.71 -1.62 4.61
CA LYS A 26 -5.55 -1.41 3.69
C LYS A 26 -4.37 -2.09 4.37
N GLU A 27 -3.27 -2.33 3.66
CA GLU A 27 -2.15 -3.02 4.31
C GLU A 27 -1.48 -2.10 5.33
N PRO A 28 -1.07 -2.63 6.50
CA PRO A 28 -1.21 -4.07 6.85
C PRO A 28 -2.65 -4.44 7.30
N LEU A 29 -3.28 -5.33 6.55
CA LEU A 29 -4.67 -5.76 6.79
C LEU A 29 -5.02 -6.14 8.21
N LYS A 30 -4.08 -6.75 8.92
CA LYS A 30 -4.36 -7.12 10.27
C LYS A 30 -4.28 -5.93 11.24
N ILE A 31 -3.34 -4.99 11.05
CA ILE A 31 -3.34 -3.88 11.97
C ILE A 31 -4.68 -3.12 11.77
N HIS A 32 -5.03 -2.86 10.52
CA HIS A 32 -6.26 -2.19 10.21
C HIS A 32 -7.50 -2.97 10.67
N GLU A 33 -7.49 -4.29 10.52
CA GLU A 33 -8.67 -5.04 10.91
C GLU A 33 -8.84 -5.01 12.44
N SER A 34 -7.72 -5.01 13.14
CA SER A 34 -7.79 -4.96 14.57
C SER A 34 -8.40 -3.57 15.01
N MET A 35 -8.04 -2.51 14.29
CA MET A 35 -8.50 -1.17 14.60
C MET A 35 -10.01 -1.14 14.39
N ARG A 36 -10.45 -1.65 13.27
CA ARG A 36 -11.89 -1.63 13.03
C ARG A 36 -12.67 -2.52 14.01
N TYR A 37 -12.08 -3.66 14.38
CA TYR A 37 -12.74 -4.61 15.23
C TYR A 37 -13.16 -3.95 16.51
N SER A 38 -12.29 -3.10 17.05
CA SER A 38 -12.58 -2.40 18.29
C SER A 38 -13.29 -1.07 18.12
N LEU A 39 -12.88 -0.30 17.11
CA LEU A 39 -13.44 1.03 16.87
C LEU A 39 -14.87 1.11 16.37
N LEU A 40 -15.29 0.16 15.54
CA LEU A 40 -16.63 0.16 14.99
C LEU A 40 -17.54 -0.83 15.69
N ALA A 41 -17.09 -1.37 16.84
CA ALA A 41 -17.85 -2.35 17.64
C ALA A 41 -19.13 -1.71 18.10
N GLY A 42 -19.22 -0.42 17.90
CA GLY A 42 -20.43 0.23 18.31
C GLY A 42 -20.35 0.48 19.77
N GLY A 43 -20.98 1.57 20.17
CA GLY A 43 -21.06 2.01 21.54
C GLY A 43 -22.04 3.17 21.61
N LYS A 44 -22.30 3.62 22.83
CA LYS A 44 -23.21 4.73 23.10
C LYS A 44 -22.75 5.95 22.30
N ARG A 45 -21.45 6.04 22.11
CA ARG A 45 -20.78 7.15 21.43
C ARG A 45 -20.91 8.46 22.18
N VAL A 46 -21.01 8.39 23.50
CA VAL A 46 -21.11 9.55 24.34
C VAL A 46 -20.01 10.60 24.07
N ARG A 47 -18.71 10.23 24.02
CA ARG A 47 -17.65 11.26 23.76
C ARG A 47 -17.75 12.05 22.42
N PRO A 48 -18.01 11.40 21.27
CA PRO A 48 -18.14 12.12 19.98
C PRO A 48 -19.38 13.04 20.05
N MET A 49 -20.46 12.56 20.68
CA MET A 49 -21.69 13.35 20.91
C MET A 49 -21.36 14.68 21.72
N LEU A 50 -20.77 14.53 22.90
CA LEU A 50 -20.35 15.67 23.71
C LEU A 50 -19.53 16.62 22.82
N CYS A 51 -18.56 16.13 22.07
CA CYS A 51 -17.79 17.01 21.18
C CYS A 51 -18.69 17.80 20.19
N ILE A 52 -19.52 17.08 19.45
CA ILE A 52 -20.42 17.65 18.48
C ILE A 52 -21.42 18.60 19.16
N ALA A 53 -21.98 18.16 20.30
CA ALA A 53 -22.99 18.97 20.97
C ALA A 53 -22.41 20.28 21.47
N ALA A 54 -21.21 20.22 22.02
CA ALA A 54 -20.51 21.41 22.52
C ALA A 54 -20.23 22.38 21.39
N CYS A 55 -19.99 21.85 20.21
CA CYS A 55 -19.72 22.70 19.05
C CYS A 55 -21.01 23.37 18.50
N GLU A 56 -22.14 22.68 18.57
CA GLU A 56 -23.39 23.23 18.12
C GLU A 56 -23.98 24.11 19.23
N LEU A 57 -23.47 23.92 20.44
CA LEU A 57 -23.96 24.68 21.56
C LEU A 57 -23.51 26.10 21.44
N VAL A 58 -22.28 26.29 20.98
CA VAL A 58 -21.75 27.65 20.87
C VAL A 58 -22.02 28.26 19.50
N GLY A 59 -22.74 27.55 18.66
CA GLY A 59 -23.01 28.10 17.36
C GLY A 59 -22.31 27.47 16.19
N GLY A 60 -21.28 26.65 16.42
CA GLY A 60 -20.59 26.00 15.31
C GLY A 60 -21.42 24.88 14.72
N ASP A 61 -21.00 24.26 13.65
CA ASP A 61 -21.82 23.16 13.16
C ASP A 61 -21.10 21.79 13.18
N GLU A 62 -21.87 20.72 13.10
CA GLU A 62 -21.35 19.34 13.17
C GLU A 62 -20.19 18.97 12.26
N SER A 63 -20.28 19.28 10.98
CA SER A 63 -19.20 18.91 10.08
C SER A 63 -17.79 19.39 10.50
N THR A 64 -17.71 20.47 11.26
CA THR A 64 -16.41 21.02 11.68
C THR A 64 -15.85 20.21 12.86
N ALA A 65 -16.70 19.72 13.74
CA ALA A 65 -16.25 18.98 14.89
C ALA A 65 -16.11 17.50 14.60
N MET A 66 -16.68 17.03 13.51
CA MET A 66 -16.63 15.59 13.24
C MET A 66 -15.23 14.92 13.34
N PRO A 67 -14.21 15.45 12.65
CA PRO A 67 -12.92 14.75 12.82
C PRO A 67 -12.48 14.66 14.31
N ALA A 68 -12.66 15.73 15.09
CA ALA A 68 -12.31 15.72 16.51
C ALA A 68 -13.19 14.80 17.31
N ALA A 69 -14.42 14.62 16.86
CA ALA A 69 -15.33 13.72 17.55
C ALA A 69 -14.82 12.30 17.29
N CYS A 70 -14.43 12.05 16.04
CA CYS A 70 -13.88 10.76 15.65
C CYS A 70 -12.61 10.45 16.43
N ALA A 71 -11.75 11.45 16.54
CA ALA A 71 -10.48 11.36 17.25
C ALA A 71 -10.66 10.95 18.74
N VAL A 72 -11.55 11.61 19.46
CA VAL A 72 -11.71 11.23 20.84
C VAL A 72 -12.27 9.81 20.97
N GLU A 73 -13.01 9.35 19.96
CA GLU A 73 -13.56 8.00 20.03
C GLU A 73 -12.43 6.96 19.83
N MET A 74 -11.47 7.32 18.99
CA MET A 74 -10.35 6.47 18.68
C MET A 74 -9.48 6.32 19.96
N ILE A 75 -9.24 7.45 20.64
CA ILE A 75 -8.45 7.44 21.86
C ILE A 75 -9.15 6.62 22.93
N HIS A 76 -10.46 6.75 22.99
CA HIS A 76 -11.24 5.98 23.98
C HIS A 76 -11.20 4.48 23.64
N THR A 77 -11.12 4.18 22.34
CA THR A 77 -11.04 2.82 21.91
C THR A 77 -9.70 2.21 22.29
N MET A 78 -8.65 2.95 21.97
CA MET A 78 -7.31 2.49 22.27
C MET A 78 -7.13 2.28 23.78
N SER A 79 -7.78 3.10 24.62
CA SER A 79 -7.67 2.98 26.07
C SER A 79 -8.31 1.64 26.52
N LEU A 80 -9.46 1.28 25.93
CA LEU A 80 -10.11 0.03 26.26
C LEU A 80 -9.25 -1.17 25.74
N MET A 81 -8.75 -1.08 24.51
CA MET A 81 -7.91 -2.12 23.96
C MET A 81 -6.73 -2.43 24.92
N HIS A 82 -6.10 -1.40 25.44
CA HIS A 82 -4.97 -1.62 26.26
C HIS A 82 -5.31 -2.16 27.64
N ASP A 83 -6.39 -1.68 28.19
CA ASP A 83 -6.85 -2.06 29.48
C ASP A 83 -7.25 -3.53 29.54
N ASP A 84 -7.68 -4.08 28.42
CA ASP A 84 -8.11 -5.46 28.41
C ASP A 84 -6.89 -6.39 28.37
N LEU A 85 -5.70 -5.90 28.06
CA LEU A 85 -4.55 -6.80 27.94
C LEU A 85 -4.22 -7.60 29.20
N PRO A 86 -3.45 -8.70 29.04
CA PRO A 86 -3.06 -9.58 30.16
C PRO A 86 -2.20 -8.86 31.17
N CYS A 87 -1.39 -7.91 30.77
CA CYS A 87 -0.62 -7.24 31.79
C CYS A 87 -1.39 -6.13 32.51
N MET A 88 -2.68 -6.00 32.23
CA MET A 88 -3.56 -5.00 32.86
C MET A 88 -4.74 -5.75 33.55
N ASP A 89 -5.97 -5.61 33.04
CA ASP A 89 -7.15 -6.28 33.61
C ASP A 89 -7.17 -7.73 33.21
N ASN A 90 -6.57 -8.03 32.08
CA ASN A 90 -6.54 -9.41 31.62
C ASN A 90 -7.94 -9.96 31.36
N ASP A 91 -8.74 -9.22 30.60
CA ASP A 91 -10.09 -9.65 30.31
C ASP A 91 -10.28 -10.45 29.00
N ASP A 92 -11.26 -11.34 29.01
CA ASP A 92 -11.56 -12.16 27.84
C ASP A 92 -12.65 -11.62 26.92
N LEU A 93 -13.47 -10.68 27.41
CA LEU A 93 -14.58 -10.11 26.64
C LEU A 93 -14.84 -8.64 26.93
N ARG A 94 -15.33 -7.95 25.91
CA ARG A 94 -15.63 -6.54 26.04
C ARG A 94 -16.63 -6.12 24.99
N ARG A 95 -17.59 -5.33 25.42
CA ARG A 95 -18.59 -4.79 24.54
C ARG A 95 -19.12 -5.82 23.57
N GLY A 96 -19.44 -6.97 24.19
CA GLY A 96 -20.07 -8.08 23.47
C GLY A 96 -19.33 -9.12 22.69
N LYS A 97 -17.99 -9.06 22.66
CA LYS A 97 -17.25 -10.07 21.92
C LYS A 97 -15.88 -10.32 22.51
N PRO A 98 -15.15 -11.30 21.96
CA PRO A 98 -13.79 -11.62 22.46
C PRO A 98 -13.00 -10.31 22.46
N THR A 99 -12.03 -10.14 23.37
CA THR A 99 -11.27 -8.89 23.38
C THR A 99 -10.31 -8.89 22.18
N ASN A 100 -9.80 -7.72 21.83
CA ASN A 100 -8.92 -7.56 20.69
C ASN A 100 -7.68 -8.49 20.74
N HIS A 101 -6.98 -8.60 21.86
CA HIS A 101 -5.80 -9.48 21.83
C HIS A 101 -6.21 -10.95 21.66
N MET A 102 -7.40 -11.32 22.13
CA MET A 102 -7.88 -12.70 21.97
C MET A 102 -8.14 -12.96 20.50
N ALA A 103 -8.73 -11.99 19.81
CA ALA A 103 -8.99 -12.13 18.39
C ALA A 103 -7.78 -11.96 17.45
N PHE A 104 -6.74 -11.20 17.83
CA PHE A 104 -5.58 -10.94 16.93
C PHE A 104 -4.14 -11.16 17.48
N GLY A 105 -4.01 -11.42 18.79
CA GLY A 105 -2.69 -11.57 19.38
C GLY A 105 -2.33 -10.27 20.09
N GLU A 106 -1.60 -10.41 21.19
CA GLU A 106 -1.18 -9.33 22.02
C GLU A 106 -0.43 -8.22 21.29
N SER A 107 0.44 -8.63 20.38
CA SER A 107 1.28 -7.73 19.62
C SER A 107 0.43 -6.85 18.69
N VAL A 108 -0.50 -7.46 17.97
CA VAL A 108 -1.36 -6.66 17.07
C VAL A 108 -2.27 -5.71 17.87
N ALA A 109 -2.84 -6.21 18.96
CA ALA A 109 -3.66 -5.34 19.80
C ALA A 109 -2.80 -4.14 20.32
N VAL A 110 -1.58 -4.37 20.77
CA VAL A 110 -0.85 -3.23 21.26
C VAL A 110 -0.61 -2.20 20.16
N LEU A 111 -0.21 -2.69 19.00
CA LEU A 111 0.10 -1.83 17.88
C LEU A 111 -1.06 -1.11 17.27
N ALA A 112 -2.21 -1.78 17.21
CA ALA A 112 -3.44 -1.25 16.65
C ALA A 112 -3.89 -0.08 17.54
N GLY A 113 -3.75 -0.27 18.85
CA GLY A 113 -4.06 0.78 19.77
C GLY A 113 -3.08 1.93 19.62
N ASP A 114 -1.84 1.66 19.21
CA ASP A 114 -0.93 2.74 19.04
C ASP A 114 -1.32 3.43 17.75
N ALA A 115 -1.69 2.63 16.78
CA ALA A 115 -2.09 3.20 15.52
C ALA A 115 -3.28 4.18 15.76
N LEU A 116 -4.27 3.78 16.57
CA LEU A 116 -5.41 4.62 16.86
C LEU A 116 -5.00 5.94 17.45
N LEU A 117 -4.17 5.90 18.48
CA LEU A 117 -3.69 7.14 19.09
C LEU A 117 -3.08 8.12 18.10
N SER A 118 -2.13 7.68 17.30
CA SER A 118 -1.55 8.65 16.39
C SER A 118 -2.44 9.04 15.23
N PHE A 119 -3.28 8.13 14.77
CA PHE A 119 -4.13 8.48 13.69
C PHE A 119 -5.13 9.55 14.17
N ALA A 120 -5.45 9.56 15.48
CA ALA A 120 -6.37 10.57 16.05
C ALA A 120 -5.81 11.95 15.76
N PHE A 121 -4.52 12.14 15.96
CA PHE A 121 -3.95 13.44 15.66
C PHE A 121 -3.85 13.72 14.16
N GLU A 122 -3.55 12.71 13.35
CA GLU A 122 -3.42 12.93 11.91
C GLU A 122 -4.78 13.32 11.33
N HIS A 123 -5.80 12.61 11.79
CA HIS A 123 -7.12 12.85 11.30
C HIS A 123 -7.66 14.27 11.67
N VAL A 124 -7.54 14.70 12.94
CA VAL A 124 -8.03 15.99 13.30
C VAL A 124 -7.20 17.03 12.59
N ALA A 125 -5.90 16.81 12.47
CA ALA A 125 -5.11 17.84 11.83
C ALA A 125 -5.24 18.01 10.31
N ALA A 126 -5.43 16.91 9.57
CA ALA A 126 -5.57 16.98 8.12
C ALA A 126 -7.01 17.07 7.57
N ALA A 127 -7.98 16.55 8.33
CA ALA A 127 -9.37 16.55 7.86
C ALA A 127 -10.25 17.68 8.37
N THR A 128 -9.90 18.31 9.48
CA THR A 128 -10.73 19.41 9.95
C THR A 128 -10.72 20.53 8.92
N LYS A 129 -11.92 20.98 8.58
CA LYS A 129 -12.10 22.08 7.62
C LYS A 129 -13.08 23.08 8.23
N GLY A 130 -12.97 24.33 7.84
CA GLY A 130 -13.90 25.29 8.41
C GLY A 130 -13.35 25.84 9.72
N ALA A 131 -12.04 25.76 9.86
CA ALA A 131 -11.36 26.30 11.01
C ALA A 131 -9.96 26.76 10.63
N PRO A 132 -9.53 27.87 11.22
CA PRO A 132 -8.19 28.41 10.95
C PRO A 132 -7.07 27.61 11.69
N PRO A 133 -5.91 27.42 11.04
CA PRO A 133 -4.73 26.68 11.54
C PRO A 133 -4.37 26.80 13.00
N GLU A 134 -4.39 28.02 13.55
CA GLU A 134 -4.04 28.16 14.95
C GLU A 134 -5.16 27.56 15.80
N ARG A 135 -6.38 27.62 15.29
CA ARG A 135 -7.47 27.05 16.02
C ARG A 135 -7.28 25.54 16.01
N ILE A 136 -6.99 24.96 14.86
CA ILE A 136 -6.83 23.52 14.84
C ILE A 136 -5.66 23.08 15.77
N VAL A 137 -4.58 23.87 15.77
CA VAL A 137 -3.40 23.59 16.57
C VAL A 137 -3.73 23.70 18.05
N ARG A 138 -4.50 24.71 18.44
CA ARG A 138 -4.91 24.84 19.85
C ARG A 138 -5.65 23.56 20.31
N VAL A 139 -6.56 23.07 19.47
CA VAL A 139 -7.33 21.87 19.68
C VAL A 139 -6.43 20.60 19.80
N LEU A 140 -5.52 20.41 18.87
CA LEU A 140 -4.60 19.28 18.96
C LEU A 140 -3.87 19.32 20.28
N GLY A 141 -3.49 20.53 20.71
CA GLY A 141 -2.82 20.66 21.97
C GLY A 141 -3.74 20.30 23.13
N GLU A 142 -5.03 20.61 22.99
CA GLU A 142 -5.99 20.32 24.06
C GLU A 142 -6.20 18.84 24.10
N LEU A 143 -6.27 18.21 22.95
CA LEU A 143 -6.45 16.77 22.93
C LEU A 143 -5.28 16.06 23.67
N ALA A 144 -4.08 16.55 23.39
CA ALA A 144 -2.84 16.03 23.94
C ALA A 144 -2.80 16.01 25.44
N VAL A 145 -3.07 17.17 26.04
CA VAL A 145 -3.05 17.36 27.47
C VAL A 145 -4.13 16.51 28.12
N SER A 146 -5.24 16.27 27.42
CA SER A 146 -6.26 15.50 28.10
C SER A 146 -5.99 13.98 28.09
N ILE A 147 -5.23 13.48 27.14
CA ILE A 147 -5.02 12.07 27.15
C ILE A 147 -3.74 11.57 27.81
N GLY A 148 -2.77 12.46 27.97
CA GLY A 148 -1.49 12.08 28.53
C GLY A 148 -1.23 12.02 30.04
N SER A 149 -0.04 12.47 30.41
CA SER A 149 0.39 12.45 31.81
C SER A 149 -0.38 13.32 32.80
N GLU A 150 -1.20 14.26 32.30
CA GLU A 150 -2.02 15.07 33.19
C GLU A 150 -3.46 14.79 32.77
N GLY A 151 -3.69 13.57 32.32
CA GLY A 151 -5.01 13.19 31.87
C GLY A 151 -5.30 11.70 31.99
N LEU A 152 -5.90 11.14 30.94
CA LEU A 152 -6.28 9.76 30.90
C LEU A 152 -5.20 8.78 31.42
N VAL A 153 -3.98 8.90 30.89
CA VAL A 153 -2.91 8.01 31.24
C VAL A 153 -2.50 8.08 32.70
N ALA A 154 -2.38 9.29 33.24
CA ALA A 154 -2.02 9.46 34.63
C ALA A 154 -3.04 8.86 35.51
N GLY A 155 -4.28 8.80 35.05
CA GLY A 155 -5.35 8.20 35.83
C GLY A 155 -5.14 6.70 35.87
N GLN A 156 -4.86 6.11 34.69
CA GLN A 156 -4.63 4.67 34.55
C GLN A 156 -3.38 4.18 35.34
N VAL A 157 -2.30 4.96 35.27
CA VAL A 157 -1.09 4.59 35.96
C VAL A 157 -1.25 4.71 37.48
N VAL A 158 -1.96 5.74 37.94
CA VAL A 158 -2.09 5.84 39.38
C VAL A 158 -3.07 4.81 39.87
N ASP A 159 -3.91 4.30 38.99
CA ASP A 159 -4.88 3.31 39.41
C ASP A 159 -4.16 1.99 39.55
N VAL A 160 -3.40 1.64 38.53
CA VAL A 160 -2.65 0.41 38.51
C VAL A 160 -1.69 0.29 39.70
N CYS A 161 -1.09 1.41 40.08
CA CYS A 161 -0.15 1.42 41.19
C CYS A 161 -0.85 1.60 42.52
N SER A 162 -2.14 1.31 42.56
CA SER A 162 -2.90 1.45 43.78
C SER A 162 -3.55 0.12 44.11
N GLU A 163 -3.44 -0.81 43.16
CA GLU A 163 -4.01 -2.16 43.32
C GLU A 163 -3.17 -2.94 44.34
N GLY A 164 -2.09 -2.34 44.81
CA GLY A 164 -1.26 -3.02 45.77
C GLY A 164 -1.79 -2.86 47.17
N MET A 165 -2.17 -1.63 47.50
CA MET A 165 -2.65 -1.29 48.83
C MET A 165 -4.16 -1.53 48.91
N ALA A 166 -4.56 -2.44 49.78
CA ALA A 166 -6.00 -2.69 49.96
C ALA A 166 -6.59 -1.43 50.64
N GLU A 167 -5.73 -0.59 51.21
CA GLU A 167 -6.25 0.60 51.87
C GLU A 167 -5.97 1.89 51.16
N VAL A 168 -7.04 2.62 50.81
CA VAL A 168 -6.81 3.90 50.21
C VAL A 168 -7.59 5.15 50.54
N GLY A 169 -6.86 6.25 50.42
CA GLY A 169 -7.39 7.56 50.74
C GLY A 169 -8.38 8.14 49.75
N LEU A 170 -9.14 9.13 50.23
CA LEU A 170 -10.17 9.76 49.42
C LEU A 170 -9.77 10.65 48.29
N ASP A 171 -8.71 11.40 48.48
CA ASP A 171 -8.35 12.27 47.38
C ASP A 171 -7.39 11.61 46.40
N HIS A 172 -7.08 10.35 46.65
CA HIS A 172 -6.26 9.54 45.81
C HIS A 172 -7.30 8.91 44.85
N LEU A 173 -8.43 8.59 45.44
CA LEU A 173 -9.56 8.01 44.74
C LEU A 173 -10.11 9.05 43.75
N GLU A 174 -10.32 10.28 44.21
CA GLU A 174 -10.84 11.34 43.35
C GLU A 174 -9.84 11.68 42.22
N PHE A 175 -8.54 11.52 42.50
CA PHE A 175 -7.56 11.80 41.47
C PHE A 175 -7.71 10.76 40.36
N ILE A 176 -7.96 9.53 40.74
CA ILE A 176 -8.12 8.51 39.73
C ILE A 176 -9.37 8.74 38.93
N HIS A 177 -10.44 9.12 39.60
CA HIS A 177 -11.67 9.35 38.84
C HIS A 177 -11.65 10.55 37.94
N HIS A 178 -10.95 11.60 38.33
CA HIS A 178 -10.92 12.73 37.47
C HIS A 178 -10.08 12.46 36.22
N HIS A 179 -8.92 11.83 36.39
CA HIS A 179 -8.06 11.59 35.22
C HIS A 179 -8.55 10.41 34.38
N LYS A 180 -9.05 9.36 35.02
CA LYS A 180 -9.51 8.19 34.29
C LYS A 180 -10.74 8.43 33.43
N THR A 181 -11.75 9.09 33.99
CA THR A 181 -12.97 9.33 33.25
C THR A 181 -13.17 10.75 32.80
N ALA A 182 -12.97 11.70 33.71
CA ALA A 182 -13.29 13.08 33.32
C ALA A 182 -12.41 13.78 32.31
N ALA A 183 -11.10 13.61 32.37
CA ALA A 183 -10.19 14.24 31.45
C ALA A 183 -10.52 14.14 29.95
N LEU A 184 -10.98 13.00 29.49
CA LEU A 184 -11.31 12.84 28.08
C LEU A 184 -12.71 13.47 27.78
N LEU A 185 -13.60 13.54 28.80
CA LEU A 185 -14.93 14.18 28.61
C LEU A 185 -14.61 15.67 28.47
N GLN A 186 -13.74 16.20 29.29
CA GLN A 186 -13.44 17.61 29.15
C GLN A 186 -12.81 17.92 27.80
N GLY A 187 -11.87 17.06 27.36
CA GLY A 187 -11.24 17.26 26.08
C GLY A 187 -12.30 17.22 25.01
N SER A 188 -13.22 16.27 25.09
CA SER A 188 -14.25 16.19 24.08
C SER A 188 -15.06 17.46 23.92
N VAL A 189 -15.48 18.02 25.04
CA VAL A 189 -16.32 19.22 25.12
C VAL A 189 -15.55 20.47 24.66
N VAL A 190 -14.27 20.53 25.00
CA VAL A 190 -13.42 21.67 24.65
C VAL A 190 -12.98 21.72 23.17
N LEU A 191 -12.73 20.57 22.55
CA LEU A 191 -12.32 20.54 21.14
C LEU A 191 -13.50 21.11 20.36
N GLY A 192 -14.71 20.68 20.74
CA GLY A 192 -15.93 21.14 20.11
C GLY A 192 -16.29 22.62 20.36
N ALA A 193 -16.20 23.06 21.63
CA ALA A 193 -16.50 24.44 22.00
C ALA A 193 -15.52 25.33 21.25
N ILE A 194 -14.25 24.95 21.24
CA ILE A 194 -13.26 25.73 20.54
C ILE A 194 -13.45 25.68 19.03
N LEU A 195 -13.85 24.55 18.45
CA LEU A 195 -14.02 24.50 17.02
C LEU A 195 -15.25 25.26 16.56
N GLY A 196 -16.23 25.38 17.43
CA GLY A 196 -17.43 26.14 17.09
C GLY A 196 -17.30 27.65 17.33
N GLY A 197 -16.09 28.11 17.64
CA GLY A 197 -15.88 29.53 17.85
C GLY A 197 -16.28 30.05 19.23
N GLY A 198 -16.46 29.14 20.17
CA GLY A 198 -16.86 29.54 21.50
C GLY A 198 -15.87 30.48 22.12
N LYS A 199 -16.43 31.45 22.84
CA LYS A 199 -15.64 32.46 23.52
C LYS A 199 -14.98 31.75 24.68
N GLU A 200 -13.87 32.27 25.19
CA GLU A 200 -13.15 31.61 26.29
C GLU A 200 -13.96 31.26 27.54
N GLU A 201 -14.86 32.15 27.95
CA GLU A 201 -15.69 31.90 29.11
C GLU A 201 -16.80 30.83 28.89
N GLU A 202 -17.15 30.58 27.64
CA GLU A 202 -18.12 29.53 27.33
C GLU A 202 -17.35 28.19 27.39
N VAL A 203 -16.09 28.21 26.97
CA VAL A 203 -15.25 27.05 27.01
C VAL A 203 -15.10 26.66 28.51
N ALA A 204 -14.67 27.61 29.32
CA ALA A 204 -14.48 27.37 30.76
C ALA A 204 -15.71 26.75 31.40
N LYS A 205 -16.88 27.25 31.02
CA LYS A 205 -18.09 26.71 31.60
C LYS A 205 -18.32 25.28 31.17
N LEU A 206 -17.98 24.95 29.93
CA LEU A 206 -18.13 23.58 29.47
C LEU A 206 -17.10 22.60 30.08
N ARG A 207 -15.93 23.12 30.42
CA ARG A 207 -14.91 22.35 31.09
C ARG A 207 -15.47 21.89 32.47
N LYS A 208 -15.99 22.86 33.24
CA LYS A 208 -16.58 22.55 34.55
C LYS A 208 -17.65 21.51 34.36
N PHE A 209 -18.53 21.77 33.40
CA PHE A 209 -19.59 20.82 33.14
C PHE A 209 -19.01 19.39 32.89
N ALA A 210 -17.97 19.30 32.08
CA ALA A 210 -17.39 18.00 31.77
C ALA A 210 -16.76 17.37 33.00
N ASN A 211 -16.16 18.16 33.89
CA ASN A 211 -15.55 17.54 35.02
C ASN A 211 -16.59 16.92 35.93
N CYS A 212 -17.75 17.59 36.09
CA CYS A 212 -18.81 17.13 36.98
C CYS A 212 -19.53 15.89 36.54
N ILE A 213 -19.85 15.79 35.26
CA ILE A 213 -20.55 14.59 34.86
C ILE A 213 -19.55 13.47 34.94
N GLY A 214 -18.28 13.80 34.69
CA GLY A 214 -17.24 12.79 34.71
C GLY A 214 -17.12 12.24 36.12
N LEU A 215 -16.90 13.14 37.05
CA LEU A 215 -16.83 12.73 38.42
C LEU A 215 -18.14 12.04 38.80
N LEU A 216 -19.27 12.66 38.42
CA LEU A 216 -20.60 12.15 38.73
C LEU A 216 -20.78 10.69 38.32
N PHE A 217 -20.39 10.37 37.11
CA PHE A 217 -20.48 9.00 36.66
C PHE A 217 -19.80 8.00 37.67
N GLN A 218 -18.54 8.24 37.99
CA GLN A 218 -17.87 7.37 38.93
C GLN A 218 -18.62 7.29 40.27
N VAL A 219 -19.03 8.44 40.78
CA VAL A 219 -19.69 8.41 42.06
C VAL A 219 -20.98 7.60 42.00
N VAL A 220 -21.66 7.61 40.87
CA VAL A 220 -22.90 6.86 40.80
C VAL A 220 -22.59 5.39 40.67
N ASP A 221 -21.57 5.09 39.90
CA ASP A 221 -21.20 3.70 39.79
C ASP A 221 -20.89 3.19 41.19
N ASP A 222 -20.10 3.93 41.95
CA ASP A 222 -19.82 3.43 43.28
C ASP A 222 -21.09 3.24 44.09
N ILE A 223 -22.10 4.09 43.93
CA ILE A 223 -23.32 3.92 44.69
C ILE A 223 -24.13 2.70 44.24
N LEU A 224 -24.28 2.50 42.95
CA LEU A 224 -25.02 1.34 42.45
C LEU A 224 -24.44 0.02 43.02
N ASP A 225 -23.16 -0.22 42.84
CA ASP A 225 -22.57 -1.42 43.38
C ASP A 225 -23.05 -1.75 44.80
N VAL A 226 -22.97 -0.79 45.71
CA VAL A 226 -23.35 -0.96 47.12
C VAL A 226 -24.85 -1.12 47.41
N THR A 227 -25.69 -0.19 46.93
CA THR A 227 -27.15 -0.22 47.16
C THR A 227 -27.86 -1.16 46.22
N LYS A 228 -27.13 -2.07 45.58
CA LYS A 228 -27.73 -2.95 44.60
C LYS A 228 -28.88 -3.84 45.09
N LYS A 245 -10.41 -2.76 48.05
CA LYS A 245 -11.01 -1.79 47.07
C LYS A 245 -11.77 -0.64 47.78
N THR A 246 -11.28 0.59 47.58
CA THR A 246 -11.87 1.80 48.17
C THR A 246 -12.86 2.50 47.27
N THR A 247 -13.95 2.93 47.86
CA THR A 247 -15.03 3.57 47.14
C THR A 247 -15.65 4.69 47.95
N TYR A 248 -16.46 5.54 47.32
CA TYR A 248 -17.09 6.62 48.05
C TYR A 248 -17.93 6.19 49.30
N PRO A 249 -18.83 5.18 49.15
CA PRO A 249 -19.67 4.71 50.25
C PRO A 249 -18.81 4.29 51.45
N LYS A 250 -17.65 3.71 51.22
CA LYS A 250 -16.77 3.32 52.30
C LYS A 250 -16.02 4.48 52.95
N LEU A 251 -15.83 5.54 52.21
CA LEU A 251 -15.12 6.64 52.78
C LEU A 251 -16.10 7.60 53.45
N ILE A 252 -17.24 7.86 52.82
CA ILE A 252 -18.13 8.81 53.42
C ILE A 252 -19.56 8.35 53.56
N GLY A 253 -19.84 7.09 53.25
CA GLY A 253 -21.20 6.58 53.38
C GLY A 253 -22.00 6.80 52.11
N VAL A 254 -23.09 6.04 51.95
CA VAL A 254 -23.95 6.16 50.79
C VAL A 254 -24.79 7.46 50.80
N GLU A 255 -25.32 7.85 51.95
CA GLU A 255 -26.13 9.04 52.06
C GLU A 255 -25.38 10.30 51.55
N LYS A 256 -24.17 10.45 52.03
CA LYS A 256 -23.37 11.58 51.71
C LYS A 256 -22.83 11.54 50.28
N SER A 257 -22.68 10.33 49.76
CA SER A 257 -22.21 10.11 48.40
C SER A 257 -23.36 10.44 47.44
N LYS A 258 -24.57 10.11 47.86
CA LYS A 258 -25.71 10.38 47.03
C LYS A 258 -25.82 11.90 46.98
N GLU A 259 -25.53 12.49 48.13
CA GLU A 259 -25.66 13.93 48.26
C GLU A 259 -24.74 14.57 47.25
N PHE A 260 -23.53 14.07 47.28
CA PHE A 260 -22.45 14.49 46.43
C PHE A 260 -22.84 14.33 44.98
N ALA A 261 -23.50 13.23 44.66
CA ALA A 261 -23.95 13.01 43.31
C ALA A 261 -24.82 14.21 42.92
N ASP A 262 -25.92 14.41 43.65
CA ASP A 262 -26.83 15.50 43.31
C ASP A 262 -26.14 16.84 43.22
N ARG A 263 -25.10 17.01 44.00
CA ARG A 263 -24.41 18.27 43.96
C ARG A 263 -23.63 18.40 42.65
N LEU A 264 -22.93 17.35 42.24
CA LEU A 264 -22.24 17.35 40.95
C LEU A 264 -23.27 17.61 39.82
N ASN A 265 -24.37 16.86 39.79
CA ASN A 265 -25.39 17.04 38.78
C ASN A 265 -25.90 18.49 38.68
N ARG A 266 -26.14 19.06 39.86
CA ARG A 266 -26.64 20.38 40.00
C ARG A 266 -25.59 21.37 39.44
N GLU A 267 -24.34 21.14 39.76
CA GLU A 267 -23.30 22.03 39.27
C GLU A 267 -23.07 21.86 37.78
N ALA A 268 -23.43 20.71 37.22
CA ALA A 268 -23.18 20.54 35.82
C ALA A 268 -24.16 21.43 35.03
N GLN A 269 -25.44 21.23 35.31
CA GLN A 269 -26.56 21.93 34.67
C GLN A 269 -26.52 23.45 34.86
N GLU A 270 -25.84 23.88 35.91
CA GLU A 270 -25.71 25.30 36.26
C GLU A 270 -24.78 25.87 35.23
N GLN A 271 -23.80 25.08 34.84
CA GLN A 271 -22.84 25.52 33.85
C GLN A 271 -23.53 25.71 32.48
N LEU A 272 -24.54 24.89 32.18
CA LEU A 272 -25.21 24.97 30.91
C LEU A 272 -26.28 26.09 30.80
N LEU A 273 -26.67 26.70 31.91
CA LEU A 273 -27.72 27.75 31.89
C LEU A 273 -27.28 28.90 31.02
N HIS A 274 -25.99 29.06 30.82
CA HIS A 274 -25.58 30.13 29.98
C HIS A 274 -26.11 30.01 28.53
N PHE A 275 -26.37 28.78 28.07
CA PHE A 275 -26.76 28.48 26.69
C PHE A 275 -28.22 28.33 26.38
N HIS A 276 -28.56 28.39 25.10
CA HIS A 276 -29.94 28.19 24.66
C HIS A 276 -30.43 26.86 25.21
N PRO A 277 -31.48 26.88 26.05
CA PRO A 277 -32.01 25.66 26.65
C PRO A 277 -32.32 24.54 25.66
N HIS A 278 -32.51 24.95 24.43
CA HIS A 278 -32.87 24.06 23.34
C HIS A 278 -31.61 23.31 22.83
N ARG A 279 -30.48 24.00 22.77
CA ARG A 279 -29.21 23.39 22.37
C ARG A 279 -28.69 22.53 23.53
N ALA A 280 -28.92 22.99 24.74
CA ALA A 280 -28.46 22.25 25.90
C ALA A 280 -29.27 21.00 26.24
N ALA A 281 -30.50 20.88 25.74
CA ALA A 281 -31.31 19.71 26.08
C ALA A 281 -30.52 18.37 26.12
N PRO A 282 -29.77 18.06 25.08
CA PRO A 282 -29.06 16.78 25.15
C PRO A 282 -28.06 16.64 26.31
N LEU A 283 -27.32 17.71 26.57
CA LEU A 283 -26.35 17.72 27.66
C LEU A 283 -27.07 17.74 29.02
N ILE A 284 -28.27 18.26 29.08
CA ILE A 284 -28.95 18.24 30.33
C ILE A 284 -29.50 16.81 30.46
N ALA A 285 -30.01 16.26 29.35
CA ALA A 285 -30.60 14.93 29.37
C ALA A 285 -29.54 13.91 29.78
N LEU A 286 -28.33 14.15 29.28
CA LEU A 286 -27.21 13.30 29.57
C LEU A 286 -26.74 13.38 31.01
N ALA A 287 -26.68 14.59 31.57
CA ALA A 287 -26.28 14.71 32.96
C ALA A 287 -27.33 14.00 33.87
N ASN A 288 -28.61 14.19 33.58
CA ASN A 288 -29.65 13.55 34.35
C ASN A 288 -29.66 12.04 34.19
N TYR A 289 -29.24 11.56 33.01
CA TYR A 289 -29.21 10.12 32.80
C TYR A 289 -28.02 9.48 33.61
N ILE A 290 -26.88 10.12 33.59
CA ILE A 290 -25.75 9.60 34.27
C ILE A 290 -26.09 9.55 35.73
N ALA A 291 -26.94 10.48 36.16
CA ALA A 291 -27.32 10.58 37.59
C ALA A 291 -28.39 9.66 38.15
N TYR A 292 -29.42 9.36 37.37
CA TYR A 292 -30.46 8.47 37.86
C TYR A 292 -30.46 7.09 37.19
N ARG A 293 -29.41 6.75 36.48
CA ARG A 293 -29.35 5.45 35.80
C ARG A 293 -29.54 4.24 36.73
N ASP A 294 -30.49 3.42 36.35
CA ASP A 294 -30.86 2.20 37.07
C ASP A 294 -29.65 1.23 37.06
N ASN A 295 -28.71 1.47 36.14
CA ASN A 295 -27.51 0.64 36.03
C ASN A 295 -26.45 1.25 35.05
N GLN B 2 32.50 15.75 14.64
CA GLN B 2 31.57 15.25 15.72
C GLN B 2 30.97 16.35 16.61
N PRO B 3 31.76 17.36 16.95
CA PRO B 3 31.19 18.40 17.79
C PRO B 3 29.82 18.90 17.36
N TYR B 4 29.57 18.97 16.05
CA TYR B 4 28.30 19.46 15.51
C TYR B 4 27.16 18.51 15.84
N TRP B 5 27.35 17.24 15.53
CA TRP B 5 26.30 16.29 15.82
C TRP B 5 26.07 16.07 17.32
N ALA B 6 27.14 15.95 18.08
CA ALA B 6 26.99 15.79 19.51
C ALA B 6 26.29 17.00 20.14
N ALA B 7 26.62 18.21 19.69
CA ALA B 7 25.95 19.40 20.23
C ALA B 7 24.48 19.52 19.80
N ILE B 8 24.07 18.82 18.72
CA ILE B 8 22.66 18.84 18.31
C ILE B 8 21.89 17.89 19.26
N GLU B 9 22.47 16.72 19.52
CA GLU B 9 21.88 15.70 20.40
C GLU B 9 21.70 16.25 21.79
N ALA B 10 22.72 16.94 22.27
CA ALA B 10 22.66 17.53 23.60
C ALA B 10 21.61 18.63 23.70
N ASP B 11 21.45 19.45 22.67
CA ASP B 11 20.44 20.51 22.71
C ASP B 11 19.08 19.83 22.83
N ILE B 12 18.89 18.76 22.07
CA ILE B 12 17.64 18.02 22.15
C ILE B 12 17.46 17.42 23.58
N GLU B 13 18.49 16.80 24.14
CA GLU B 13 18.35 16.25 25.49
C GLU B 13 18.00 17.34 26.53
N ARG B 14 18.71 18.46 26.47
CA ARG B 14 18.48 19.58 27.40
C ARG B 14 17.03 20.02 27.33
N TYR B 15 16.55 20.28 26.13
CA TYR B 15 15.18 20.69 25.89
C TYR B 15 14.17 19.68 26.43
N LEU B 16 14.39 18.40 26.19
CA LEU B 16 13.46 17.41 26.71
C LEU B 16 13.51 17.48 28.26
N LYS B 17 14.72 17.65 28.79
CA LYS B 17 14.90 17.74 30.26
C LYS B 17 14.23 18.94 30.95
N LYS B 18 14.28 20.13 30.36
CA LYS B 18 13.58 21.25 30.99
C LYS B 18 12.08 21.11 30.71
N SER B 19 11.67 20.18 29.84
CA SER B 19 10.26 19.93 29.49
C SER B 19 9.60 18.81 30.31
N ILE B 20 10.34 17.73 30.57
CA ILE B 20 9.82 16.60 31.34
C ILE B 20 10.35 16.61 32.77
N THR B 21 9.62 17.29 33.62
CA THR B 21 10.01 17.44 35.00
C THR B 21 9.29 16.51 35.97
N ILE B 22 10.09 15.61 36.59
CA ILE B 22 9.58 14.67 37.58
C ILE B 22 8.97 15.47 38.71
N ARG B 23 7.80 15.07 39.12
CA ARG B 23 7.12 15.81 40.15
C ARG B 23 5.90 15.00 40.56
N PRO B 24 5.30 15.37 41.69
CA PRO B 24 4.10 14.63 42.13
C PRO B 24 2.99 14.74 41.08
N PRO B 25 2.36 13.60 40.69
CA PRO B 25 2.54 12.20 41.11
C PRO B 25 3.75 11.47 40.50
N GLU B 26 4.78 11.27 41.31
CA GLU B 26 6.02 10.61 40.93
C GLU B 26 5.79 9.21 40.39
N THR B 27 4.65 8.65 40.69
CA THR B 27 4.40 7.34 40.17
C THR B 27 4.13 7.48 38.68
N VAL B 28 3.72 8.67 38.24
CA VAL B 28 3.47 8.89 36.81
C VAL B 28 4.65 9.52 36.05
N PHE B 29 5.24 10.59 36.58
CA PHE B 29 6.39 11.22 35.91
C PHE B 29 7.71 10.51 36.08
N GLY B 30 7.83 9.65 37.12
CA GLY B 30 9.04 8.85 37.31
C GLY B 30 9.17 7.99 36.06
N PRO B 31 8.17 7.18 35.78
CA PRO B 31 8.30 6.37 34.58
C PRO B 31 8.36 7.18 33.26
N MET B 32 7.56 8.24 33.12
CA MET B 32 7.60 9.06 31.91
C MET B 32 9.03 9.60 31.66
N HIS B 33 9.69 10.05 32.71
CA HIS B 33 11.07 10.54 32.62
C HIS B 33 12.09 9.41 32.29
N HIS B 34 12.08 8.34 33.07
CA HIS B 34 13.01 7.26 32.87
C HIS B 34 12.92 6.52 31.54
N LEU B 35 11.71 6.33 31.03
CA LEU B 35 11.53 5.64 29.76
C LEU B 35 11.92 6.56 28.61
N THR B 36 11.62 7.85 28.74
CA THR B 36 12.02 8.75 27.68
C THR B 36 13.52 8.85 27.53
N PHE B 37 14.31 8.72 28.60
CA PHE B 37 15.75 8.87 28.42
C PHE B 37 16.55 7.57 28.42
N ALA B 38 15.85 6.45 28.47
CA ALA B 38 16.50 5.17 28.45
C ALA B 38 16.37 4.58 27.02
N ALA B 39 15.61 5.28 26.20
CA ALA B 39 15.40 4.87 24.83
C ALA B 39 16.57 5.38 24.07
N PRO B 40 17.18 4.57 23.23
CA PRO B 40 18.32 5.05 22.47
C PRO B 40 17.94 6.32 21.70
N ALA B 41 18.84 7.28 21.55
CA ALA B 41 18.46 8.48 20.82
C ALA B 41 18.24 8.04 19.39
N THR B 42 17.59 8.85 18.59
CA THR B 42 17.36 8.46 17.22
C THR B 42 17.82 9.51 16.27
N ALA B 43 18.47 9.06 15.21
CA ALA B 43 18.96 9.96 14.18
C ALA B 43 17.78 10.74 13.51
N ALA B 44 16.55 10.29 13.68
CA ALA B 44 15.44 11.03 13.10
C ALA B 44 15.28 12.40 13.77
N SER B 45 15.59 12.53 15.06
CA SER B 45 15.50 13.83 15.74
C SER B 45 16.64 14.72 15.29
N THR B 46 17.82 14.16 15.24
CA THR B 46 19.00 14.85 14.80
C THR B 46 18.88 15.45 13.39
N LEU B 47 18.40 14.59 12.51
CA LEU B 47 18.22 14.93 11.13
C LEU B 47 17.26 16.12 10.97
N CYS B 48 16.36 16.25 11.95
CA CYS B 48 15.37 17.32 11.98
C CYS B 48 16.02 18.70 12.10
N LEU B 49 16.96 18.81 13.06
CA LEU B 49 17.65 20.07 13.28
C LEU B 49 18.66 20.31 12.17
N ALA B 50 19.34 19.26 11.73
CA ALA B 50 20.30 19.48 10.68
C ALA B 50 19.64 19.99 9.42
N ALA B 51 18.53 19.39 9.02
CA ALA B 51 17.87 19.81 7.80
C ALA B 51 17.38 21.26 7.92
N CYS B 52 16.89 21.62 9.11
CA CYS B 52 16.41 22.92 9.36
C CYS B 52 17.50 23.92 9.15
N GLU B 53 18.66 23.60 9.67
CA GLU B 53 19.77 24.52 9.52
C GLU B 53 20.35 24.44 8.10
N LEU B 54 20.33 23.26 7.48
CA LEU B 54 20.85 23.16 6.13
C LEU B 54 20.08 24.08 5.15
N VAL B 55 18.78 24.31 5.40
CA VAL B 55 17.98 25.17 4.53
C VAL B 55 17.87 26.63 4.95
N GLY B 56 18.64 27.05 5.96
CA GLY B 56 18.61 28.44 6.40
C GLY B 56 17.95 28.86 7.73
N GLY B 57 17.04 28.02 8.24
CA GLY B 57 16.32 28.29 9.47
C GLY B 57 17.12 28.04 10.72
N ASP B 58 16.52 28.45 11.85
CA ASP B 58 17.12 28.34 13.18
C ASP B 58 16.82 27.03 13.98
N ARG B 59 17.88 26.31 14.36
CA ARG B 59 17.77 25.10 15.18
C ARG B 59 16.55 25.24 16.08
N SER B 60 16.43 26.38 16.72
CA SER B 60 15.30 26.56 17.61
C SER B 60 13.98 26.42 16.89
N GLN B 61 13.96 26.55 15.58
CA GLN B 61 12.68 26.40 14.91
C GLN B 61 12.22 24.92 14.85
N ALA B 62 13.13 24.00 15.11
CA ALA B 62 12.77 22.60 14.97
C ALA B 62 12.86 21.76 16.24
N MET B 63 13.21 22.39 17.34
CA MET B 63 13.37 21.68 18.59
C MET B 63 12.16 20.91 19.01
N ALA B 64 10.99 21.54 18.98
CA ALA B 64 9.79 20.81 19.37
C ALA B 64 9.56 19.63 18.41
N ALA B 65 9.78 19.84 17.12
CA ALA B 65 9.60 18.71 16.22
C ALA B 65 10.62 17.59 16.55
N ALA B 66 11.87 17.96 16.70
CA ALA B 66 12.88 16.96 17.02
C ALA B 66 12.53 16.24 18.36
N ALA B 67 12.04 17.00 19.35
CA ALA B 67 11.68 16.41 20.63
C ALA B 67 10.55 15.44 20.44
N ALA B 68 9.54 15.89 19.72
CA ALA B 68 8.38 15.07 19.44
C ALA B 68 8.80 13.78 18.73
N ILE B 69 9.68 13.85 17.74
CA ILE B 69 10.06 12.61 17.03
C ILE B 69 10.80 11.64 17.97
N HIS B 70 11.61 12.20 18.85
CA HIS B 70 12.27 11.35 19.78
C HIS B 70 11.24 10.63 20.64
N LEU B 71 10.21 11.32 21.06
CA LEU B 71 9.23 10.70 21.92
C LEU B 71 8.43 9.66 21.23
N VAL B 72 8.09 9.89 19.98
CA VAL B 72 7.31 8.88 19.28
C VAL B 72 8.12 7.58 19.14
N HIS B 73 9.40 7.75 18.85
CA HIS B 73 10.30 6.66 18.71
C HIS B 73 10.43 5.98 20.07
N ALA B 74 10.56 6.79 21.12
CA ALA B 74 10.71 6.24 22.45
C ALA B 74 9.53 5.35 22.84
N ALA B 75 8.32 5.80 22.58
CA ALA B 75 7.19 4.99 22.97
C ALA B 75 7.14 3.68 22.23
N ALA B 76 7.43 3.70 20.94
CA ALA B 76 7.36 2.50 20.16
C ALA B 76 8.39 1.49 20.66
N TYR B 77 9.50 2.00 21.15
CA TYR B 77 10.58 1.19 21.66
C TYR B 77 10.17 0.45 22.92
N VAL B 78 9.48 1.16 23.80
CA VAL B 78 9.04 0.59 25.04
C VAL B 78 8.06 -0.52 24.72
N HIS B 79 7.10 -0.29 23.92
CA HIS B 79 6.07 -1.25 23.52
C HIS B 79 6.67 -2.49 22.84
N GLU B 80 7.76 -2.28 22.12
CA GLU B 80 8.49 -3.33 21.46
C GLU B 80 9.15 -4.30 22.46
N HIS B 81 9.61 -3.75 23.59
CA HIS B 81 10.45 -4.52 24.51
C HIS B 81 9.77 -5.04 25.78
N LEU B 82 8.44 -4.97 25.79
CA LEU B 82 7.63 -5.88 26.59
C LEU B 82 7.12 -6.89 25.56
N PRO B 83 7.26 -8.21 25.82
CA PRO B 83 7.57 -9.10 26.96
C PRO B 83 8.90 -8.89 27.72
N PRO B 84 9.03 -9.54 28.90
CA PRO B 84 10.22 -9.42 29.76
C PRO B 84 11.45 -10.13 29.20
N ALA B 85 12.06 -9.53 28.19
CA ALA B 85 13.28 -10.04 27.58
C ALA B 85 14.48 -9.86 28.51
N ILE B 86 14.56 -8.69 29.15
CA ILE B 86 15.65 -8.38 30.07
C ILE B 86 15.10 -7.80 31.39
N GLN B 87 15.78 -6.78 31.92
CA GLN B 87 15.42 -6.15 33.18
C GLN B 87 14.74 -4.80 32.98
N HIS B 88 13.56 -4.65 33.58
CA HIS B 88 12.80 -3.41 33.51
C HIS B 88 12.72 -2.77 34.89
N LYS B 89 12.77 -1.44 34.93
CA LYS B 89 12.59 -0.70 36.17
C LYS B 89 11.11 -0.68 36.57
N TYR B 90 10.23 -0.74 35.58
CA TYR B 90 8.80 -0.70 35.80
C TYR B 90 8.08 -1.90 35.18
N GLY B 91 6.94 -2.26 35.76
CA GLY B 91 6.13 -3.39 35.28
C GLY B 91 5.58 -3.19 33.88
N PRO B 92 5.17 -4.29 33.22
CA PRO B 92 4.66 -4.28 31.85
C PRO B 92 3.46 -3.33 31.65
N ASN B 93 2.60 -3.25 32.65
CA ASN B 93 1.43 -2.36 32.60
C ASN B 93 1.79 -0.88 32.67
N VAL B 94 2.77 -0.50 33.55
CA VAL B 94 3.21 0.90 33.71
C VAL B 94 3.97 1.38 32.49
N GLU B 95 4.63 0.45 31.81
CA GLU B 95 5.39 0.79 30.61
C GLU B 95 4.44 0.94 29.46
N LEU B 96 3.51 0.00 29.30
CA LEU B 96 2.54 0.13 28.22
C LEU B 96 1.81 1.49 28.32
N LEU B 97 1.36 1.80 29.54
CA LEU B 97 0.65 3.04 29.81
C LEU B 97 1.53 4.27 29.66
N THR B 98 2.81 4.17 30.03
CA THR B 98 3.69 5.30 29.86
C THR B 98 4.01 5.56 28.36
N GLY B 99 4.05 4.53 27.52
CA GLY B 99 4.28 4.78 26.12
C GLY B 99 3.07 5.57 25.60
N ASP B 100 1.90 5.17 26.09
CA ASP B 100 0.68 5.83 25.67
C ASP B 100 0.65 7.31 26.12
N GLY B 101 1.46 7.65 27.09
CA GLY B 101 1.48 9.03 27.54
C GLY B 101 2.62 9.82 26.89
N ILE B 102 3.62 9.11 26.37
CA ILE B 102 4.75 9.77 25.75
C ILE B 102 4.43 10.41 24.38
N VAL B 103 3.71 9.68 23.52
CA VAL B 103 3.34 10.16 22.19
C VAL B 103 2.51 11.44 22.30
N PRO B 104 1.48 11.44 23.17
CA PRO B 104 0.66 12.65 23.32
C PRO B 104 1.50 13.88 23.74
N PHE B 105 2.44 13.68 24.66
CA PHE B 105 3.28 14.80 25.10
C PHE B 105 4.07 15.33 23.87
N GLY B 106 4.39 14.47 22.93
CA GLY B 106 5.11 15.02 21.82
C GLY B 106 4.26 16.07 21.10
N PHE B 107 2.97 15.79 20.93
CA PHE B 107 2.11 16.72 20.24
C PHE B 107 1.86 17.96 21.07
N GLU B 108 1.80 17.80 22.38
CA GLU B 108 1.59 18.93 23.25
C GLU B 108 2.74 19.92 23.04
N LEU B 109 3.99 19.43 23.07
CA LEU B 109 5.16 20.29 22.92
C LEU B 109 5.08 21.13 21.69
N LEU B 110 4.66 20.52 20.59
CA LEU B 110 4.51 21.16 19.26
C LEU B 110 3.49 22.28 19.22
N ALA B 111 2.31 21.96 19.78
CA ALA B 111 1.20 22.87 19.81
C ALA B 111 1.54 24.05 20.67
N GLY B 112 2.22 23.78 21.77
CA GLY B 112 2.61 24.84 22.68
C GLY B 112 3.78 25.65 22.21
N SER B 113 4.35 25.31 21.06
CA SER B 113 5.49 26.07 20.57
C SER B 113 5.09 27.15 19.54
N VAL B 114 3.81 27.27 19.26
CA VAL B 114 3.36 28.26 18.29
C VAL B 114 3.57 29.66 18.81
N ASP B 115 4.58 30.36 18.31
CA ASP B 115 4.78 31.73 18.74
C ASP B 115 3.71 32.54 18.01
N PRO B 116 2.91 33.29 18.76
CA PRO B 116 1.86 34.07 18.09
C PRO B 116 2.26 35.40 17.50
N ALA B 117 3.56 35.70 17.43
CA ALA B 117 4.00 36.95 16.87
C ALA B 117 4.58 36.56 15.52
N ARG B 118 4.78 35.25 15.29
CA ARG B 118 5.32 34.74 14.01
C ARG B 118 4.09 34.34 13.15
N THR B 119 3.71 35.20 12.23
CA THR B 119 2.55 34.90 11.42
C THR B 119 2.57 33.50 10.79
N ASP B 120 3.76 32.98 10.49
CA ASP B 120 3.88 31.69 9.83
C ASP B 120 3.88 30.39 10.64
N ASP B 121 3.93 30.48 11.96
CA ASP B 121 3.96 29.29 12.81
C ASP B 121 2.80 28.30 12.60
N PRO B 122 1.56 28.73 12.90
CA PRO B 122 0.40 27.87 12.77
C PRO B 122 0.49 26.87 11.65
N ASP B 123 0.51 27.36 10.42
CA ASP B 123 0.57 26.51 9.23
C ASP B 123 1.69 25.53 9.16
N ARG B 124 2.90 25.98 9.46
CA ARG B 124 4.03 25.08 9.40
C ARG B 124 3.90 23.99 10.45
N ILE B 125 3.41 24.36 11.63
CA ILE B 125 3.27 23.39 12.70
C ILE B 125 2.13 22.42 12.47
N LEU B 126 1.11 22.81 11.77
CA LEU B 126 0.01 21.89 11.53
C LEU B 126 0.53 20.81 10.61
N ARG B 127 1.24 21.26 9.58
CA ARG B 127 1.83 20.41 8.58
C ARG B 127 2.72 19.36 9.25
N VAL B 128 3.62 19.82 10.12
CA VAL B 128 4.50 18.94 10.81
C VAL B 128 3.80 17.90 11.69
N ILE B 129 2.65 18.30 12.24
CA ILE B 129 1.90 17.40 13.09
C ILE B 129 1.32 16.32 12.22
N ILE B 130 0.91 16.67 11.01
CA ILE B 130 0.37 15.70 10.11
C ILE B 130 1.49 14.71 9.72
N GLU B 131 2.64 15.23 9.31
CA GLU B 131 3.80 14.38 8.95
C GLU B 131 4.23 13.47 10.11
N ILE B 132 4.43 14.01 11.29
CA ILE B 132 4.84 13.15 12.38
C ILE B 132 3.76 12.13 12.82
N SER B 133 2.48 12.49 12.76
CA SER B 133 1.44 11.55 13.15
C SER B 133 1.39 10.45 12.12
N ARG B 134 1.63 10.79 10.87
CA ARG B 134 1.63 9.77 9.78
C ARG B 134 2.82 8.83 9.78
N ALA B 135 4.00 9.38 9.98
CA ALA B 135 5.19 8.57 9.99
C ALA B 135 5.09 7.59 11.14
N GLY B 136 4.37 7.98 12.20
CA GLY B 136 4.28 7.14 13.37
C GLY B 136 3.09 6.24 13.43
N GLY B 137 2.18 6.42 12.50
CA GLY B 137 0.98 5.60 12.51
C GLY B 137 1.05 4.25 11.79
N PRO B 138 -0.11 3.65 11.54
CA PRO B 138 -0.21 2.36 10.88
C PRO B 138 0.42 2.20 9.49
N GLU B 139 0.69 3.28 8.75
CA GLU B 139 1.23 3.11 7.39
C GLU B 139 2.69 3.30 7.37
N GLY B 140 3.23 3.77 8.49
CA GLY B 140 4.66 4.00 8.61
C GLY B 140 5.31 3.04 9.60
N MET B 141 5.86 3.60 10.66
CA MET B 141 6.53 2.83 11.69
C MET B 141 5.81 1.57 12.18
N ILE B 142 4.51 1.68 12.50
CA ILE B 142 3.73 0.54 13.01
C ILE B 142 3.68 -0.56 11.94
N SER B 143 3.65 -0.17 10.69
CA SER B 143 3.66 -1.11 9.58
C SER B 143 4.92 -1.96 9.70
N GLY B 144 6.02 -1.30 10.10
CA GLY B 144 7.28 -1.97 10.26
C GLY B 144 7.37 -2.74 11.55
N LEU B 145 6.84 -2.21 12.66
CA LEU B 145 6.91 -2.94 13.92
C LEU B 145 6.14 -4.26 13.77
N HIS B 146 5.13 -4.21 12.90
CA HIS B 146 4.27 -5.32 12.66
C HIS B 146 4.85 -6.39 11.79
N ARG B 147 5.51 -6.01 10.70
CA ARG B 147 6.07 -7.02 9.80
C ARG B 147 7.28 -7.63 10.47
N GLU B 148 7.85 -6.91 11.43
CA GLU B 148 9.01 -7.41 12.16
C GLU B 148 8.67 -8.79 12.73
N GLU B 149 7.47 -8.93 13.24
CA GLU B 149 7.01 -10.19 13.78
C GLU B 149 7.24 -11.37 12.83
N GLU B 150 7.10 -11.14 11.54
CA GLU B 150 7.26 -12.22 10.57
C GLU B 150 8.71 -12.64 10.30
N ILE B 151 9.70 -11.92 10.80
CA ILE B 151 11.09 -12.32 10.52
C ILE B 151 11.58 -13.63 11.19
N VAL B 152 12.37 -14.39 10.50
CA VAL B 152 12.92 -15.60 11.11
C VAL B 152 14.45 -15.68 10.90
N ASP B 153 15.18 -15.11 11.86
CA ASP B 153 16.67 -15.14 11.94
C ASP B 153 17.47 -15.53 10.70
N GLY B 154 17.38 -16.80 10.30
CA GLY B 154 18.10 -17.29 9.12
C GLY B 154 17.18 -17.99 8.14
N ASN B 155 16.16 -17.27 7.68
CA ASN B 155 15.13 -17.85 6.83
C ASN B 155 14.50 -16.82 5.90
N THR B 156 14.26 -15.63 6.45
CA THR B 156 13.62 -14.53 5.74
C THR B 156 14.66 -13.76 4.93
N SER B 157 14.26 -13.34 3.74
CA SER B 157 15.17 -12.67 2.84
C SER B 157 15.56 -11.25 3.12
N LEU B 158 16.61 -10.84 2.44
CA LEU B 158 17.08 -9.49 2.58
C LEU B 158 15.99 -8.55 2.11
N ASP B 159 15.41 -8.84 0.94
CA ASP B 159 14.38 -7.96 0.42
C ASP B 159 13.36 -7.70 1.54
N PHE B 160 12.92 -8.74 2.24
CA PHE B 160 11.94 -8.54 3.27
C PHE B 160 12.53 -7.67 4.36
N ILE B 161 13.66 -8.08 4.89
CA ILE B 161 14.27 -7.28 5.93
C ILE B 161 14.46 -5.77 5.53
N GLU B 162 14.86 -5.51 4.29
CA GLU B 162 15.05 -4.14 3.86
C GLU B 162 13.71 -3.34 3.97
N TYR B 163 12.60 -3.94 3.55
CA TYR B 163 11.32 -3.27 3.65
C TYR B 163 10.94 -3.05 5.14
N VAL B 164 11.16 -4.03 6.01
CA VAL B 164 10.87 -3.78 7.40
C VAL B 164 11.70 -2.58 7.85
N CYS B 165 12.90 -2.43 7.29
CA CYS B 165 13.73 -1.31 7.71
C CYS B 165 13.28 0.01 7.15
N LYS B 166 12.63 -0.06 6.01
CA LYS B 166 12.17 1.11 5.36
C LYS B 166 10.97 1.68 6.15
N LYS B 167 10.17 0.79 6.71
CA LYS B 167 9.00 1.24 7.46
C LYS B 167 9.33 1.52 8.91
N LYS B 168 10.10 0.62 9.52
CA LYS B 168 10.43 0.79 10.91
C LYS B 168 11.31 2.01 11.15
N TYR B 169 12.32 2.22 10.32
CA TYR B 169 13.17 3.35 10.54
C TYR B 169 13.12 4.40 9.47
N GLY B 170 13.06 3.98 8.20
CA GLY B 170 13.07 4.94 7.10
C GLY B 170 12.01 6.04 7.19
N GLU B 171 10.77 5.62 7.15
CA GLU B 171 9.67 6.53 7.19
C GLU B 171 9.89 7.59 8.29
N MET B 172 10.48 7.22 9.43
CA MET B 172 10.70 8.17 10.52
C MET B 172 11.86 9.14 10.21
N HIS B 173 12.89 8.68 9.50
CA HIS B 173 13.97 9.58 9.16
C HIS B 173 13.54 10.56 8.07
N ALA B 174 12.76 10.10 7.11
CA ALA B 174 12.29 10.97 6.04
C ALA B 174 11.37 12.07 6.69
N CYS B 175 10.53 11.65 7.63
CA CYS B 175 9.68 12.59 8.32
C CYS B 175 10.55 13.60 9.02
N GLY B 176 11.62 13.12 9.65
CA GLY B 176 12.50 14.06 10.32
C GLY B 176 13.13 15.09 9.37
N ALA B 177 13.72 14.61 8.27
CA ALA B 177 14.37 15.55 7.40
C ALA B 177 13.30 16.46 6.80
N ALA B 178 12.23 15.88 6.31
CA ALA B 178 11.11 16.65 5.76
C ALA B 178 10.60 17.79 6.72
N CYS B 179 10.35 17.46 7.98
CA CYS B 179 9.90 18.43 8.97
C CYS B 179 10.92 19.51 9.24
N GLY B 180 12.19 19.15 9.26
CA GLY B 180 13.19 20.19 9.45
C GLY B 180 13.08 21.13 8.26
N ALA B 181 12.98 20.58 7.05
CA ALA B 181 12.87 21.43 5.87
C ALA B 181 11.68 22.41 6.00
N ILE B 182 10.52 21.84 6.32
CA ILE B 182 9.34 22.65 6.47
C ILE B 182 9.48 23.73 7.59
N LEU B 183 10.06 23.39 8.75
CA LEU B 183 10.14 24.38 9.78
C LEU B 183 11.09 25.48 9.37
N GLY B 184 12.06 25.10 8.54
CA GLY B 184 13.07 26.02 8.05
C GLY B 184 12.62 26.87 6.88
N GLY B 185 11.42 26.68 6.36
CA GLY B 185 10.95 27.51 5.27
C GLY B 185 11.43 27.13 3.88
N ALA B 186 11.94 25.91 3.74
CA ALA B 186 12.44 25.48 2.45
C ALA B 186 11.31 25.33 1.41
N ALA B 187 11.69 25.17 0.14
CA ALA B 187 10.76 24.99 -0.97
C ALA B 187 10.39 23.52 -1.15
N GLU B 188 9.20 23.30 -1.69
CA GLU B 188 8.70 21.95 -1.90
C GLU B 188 9.73 21.04 -2.49
N GLU B 189 10.47 21.56 -3.47
CA GLU B 189 11.49 20.77 -4.13
C GLU B 189 12.53 20.29 -3.10
N GLU B 190 13.00 21.20 -2.24
CA GLU B 190 14.02 20.85 -1.26
C GLU B 190 13.54 20.01 -0.08
N ILE B 191 12.23 20.03 0.14
CA ILE B 191 11.63 19.22 1.18
C ILE B 191 11.66 17.79 0.62
N GLN B 192 11.07 17.61 -0.56
CA GLN B 192 11.07 16.33 -1.21
C GLN B 192 12.48 15.65 -1.23
N LYS B 193 13.52 16.42 -1.56
CA LYS B 193 14.86 15.84 -1.62
C LYS B 193 15.33 15.36 -0.25
N LEU B 194 15.12 16.21 0.75
CA LEU B 194 15.52 15.84 2.06
C LEU B 194 14.67 14.64 2.55
N ARG B 195 13.38 14.64 2.23
CA ARG B 195 12.53 13.56 2.64
C ARG B 195 13.12 12.25 2.12
N ASN B 196 13.50 12.22 0.85
CA ASN B 196 14.07 11.01 0.24
C ASN B 196 15.37 10.63 0.83
N PHE B 197 16.21 11.65 1.02
CA PHE B 197 17.49 11.41 1.59
C PHE B 197 17.26 10.70 2.88
N GLY B 198 16.29 11.23 3.63
CA GLY B 198 15.98 10.72 4.96
C GLY B 198 15.57 9.29 4.99
N LEU B 199 14.71 8.97 4.04
CA LEU B 199 14.22 7.65 3.88
C LEU B 199 15.37 6.63 3.74
N TYR B 200 16.33 6.89 2.83
CA TYR B 200 17.46 5.96 2.64
C TYR B 200 18.35 5.85 3.83
N GLN B 201 18.69 7.01 4.36
CA GLN B 201 19.58 7.07 5.50
C GLN B 201 19.03 6.24 6.65
N GLY B 202 17.73 6.31 6.87
CA GLY B 202 17.17 5.56 7.97
C GLY B 202 17.02 4.09 7.64
N THR B 203 16.84 3.79 6.35
CA THR B 203 16.69 2.42 5.95
C THR B 203 18.03 1.74 6.22
N LEU B 204 19.10 2.46 5.91
CA LEU B 204 20.46 2.00 6.07
C LEU B 204 20.82 1.85 7.54
N ARG B 205 20.44 2.86 8.32
CA ARG B 205 20.65 2.89 9.75
C ARG B 205 19.96 1.63 10.37
N GLY B 206 18.80 1.27 9.83
CA GLY B 206 18.07 0.13 10.36
C GLY B 206 18.73 -1.17 9.96
N MET B 207 19.29 -1.21 8.76
CA MET B 207 19.99 -2.39 8.29
C MET B 207 21.18 -2.66 9.21
N MET B 208 21.75 -1.64 9.83
CA MET B 208 22.86 -1.85 10.75
C MET B 208 22.37 -2.43 12.06
N GLU B 209 21.26 -1.90 12.59
CA GLU B 209 20.70 -2.43 13.83
C GLU B 209 20.36 -3.90 13.66
N MET B 210 20.33 -4.35 12.42
CA MET B 210 19.98 -5.72 12.11
C MET B 210 21.14 -6.47 11.53
N LYS B 211 22.31 -5.84 11.53
CA LYS B 211 23.51 -6.48 11.00
C LYS B 211 23.91 -7.50 12.07
N ASN B 212 23.68 -7.10 13.33
CA ASN B 212 23.99 -7.88 14.53
C ASN B 212 23.15 -9.15 14.79
N SER B 213 22.48 -9.66 13.77
CA SER B 213 21.64 -10.84 13.94
C SER B 213 21.62 -11.58 12.61
N HIS B 214 21.20 -10.71 11.62
CA HIS B 214 21.30 -11.28 10.28
C HIS B 214 22.66 -10.92 9.69
N GLN B 215 23.57 -11.89 9.69
CA GLN B 215 24.92 -11.70 9.15
C GLN B 215 24.92 -11.93 7.64
N LEU B 216 23.74 -12.26 7.10
CA LEU B 216 23.54 -12.45 5.66
C LEU B 216 23.64 -11.14 4.89
N ILE B 217 23.47 -10.02 5.60
CA ILE B 217 23.53 -8.68 5.01
C ILE B 217 24.66 -8.53 3.99
N ASP B 218 24.28 -8.57 2.71
CA ASP B 218 25.22 -8.43 1.62
C ASP B 218 25.77 -7.02 1.61
N GLU B 219 27.10 -6.90 1.60
CA GLU B 219 27.79 -5.59 1.59
C GLU B 219 27.28 -4.70 0.47
N ASN B 220 26.65 -5.31 -0.53
CA ASN B 220 26.10 -4.62 -1.69
C ASN B 220 24.83 -3.82 -1.36
N ILE B 221 24.07 -4.27 -0.36
CA ILE B 221 22.85 -3.58 0.08
C ILE B 221 23.20 -2.28 0.79
N ILE B 222 24.21 -2.31 1.80
CA ILE B 222 24.62 -1.09 2.45
C ILE B 222 25.20 -0.15 1.40
N GLY B 223 25.67 -0.72 0.30
CA GLY B 223 26.23 0.11 -0.75
C GLY B 223 25.22 0.82 -1.61
N LYS B 224 24.16 0.10 -1.98
CA LYS B 224 23.07 0.65 -2.81
C LYS B 224 22.34 1.74 -2.01
N LEU B 225 22.21 1.56 -0.71
CA LEU B 225 21.55 2.58 0.09
C LEU B 225 22.39 3.86 0.19
N LYS B 226 23.66 3.76 0.62
CA LYS B 226 24.56 4.92 0.74
C LYS B 226 24.52 5.72 -0.56
N GLU B 227 24.58 4.97 -1.65
CA GLU B 227 24.62 5.54 -2.95
C GLU B 227 23.33 6.26 -3.30
N LEU B 228 22.21 5.68 -2.89
CA LEU B 228 20.88 6.26 -3.16
C LEU B 228 20.65 7.50 -2.33
N ALA B 229 21.30 7.52 -1.17
CA ALA B 229 21.24 8.62 -0.23
C ALA B 229 21.92 9.82 -0.82
N LEU B 230 23.17 9.63 -1.25
CA LEU B 230 23.99 10.70 -1.81
C LEU B 230 23.49 11.18 -3.13
N GLU B 231 23.01 10.26 -3.96
CA GLU B 231 22.49 10.68 -5.24
C GLU B 231 21.48 11.77 -4.85
N GLU B 232 20.74 11.51 -3.79
CA GLU B 232 19.72 12.45 -3.33
C GLU B 232 20.19 13.85 -2.90
N LEU B 233 21.35 13.92 -2.25
CA LEU B 233 21.86 15.19 -1.78
C LEU B 233 22.49 16.11 -2.82
N GLY B 234 22.48 15.70 -4.09
CA GLY B 234 23.02 16.53 -5.15
C GLY B 234 22.09 17.73 -5.39
N GLY B 235 22.59 18.77 -6.08
CA GLY B 235 21.77 19.95 -6.34
C GLY B 235 21.65 20.85 -5.11
N PHE B 236 21.99 20.27 -3.97
CA PHE B 236 21.96 20.90 -2.65
C PHE B 236 23.40 21.22 -2.19
N HIS B 237 23.56 22.32 -1.45
CA HIS B 237 24.89 22.67 -0.91
C HIS B 237 24.80 23.41 0.44
N GLY B 238 25.90 23.39 1.19
CA GLY B 238 26.00 23.99 2.53
C GLY B 238 26.92 23.00 3.22
N LYS B 239 27.48 23.26 4.41
CA LYS B 239 28.38 22.21 4.97
C LYS B 239 27.59 21.01 5.33
N ASN B 240 26.34 21.27 5.70
CA ASN B 240 25.45 20.17 6.05
C ASN B 240 25.18 19.39 4.74
N ALA B 241 25.60 19.94 3.59
CA ALA B 241 25.45 19.26 2.30
C ALA B 241 26.63 18.30 2.11
N GLU B 242 27.66 18.49 2.92
CA GLU B 242 28.79 17.59 2.86
C GLU B 242 28.95 17.03 4.24
N LEU B 243 28.17 17.54 5.18
CA LEU B 243 28.24 16.96 6.48
C LEU B 243 27.05 16.04 6.57
N MET B 244 26.01 16.31 5.79
CA MET B 244 24.82 15.44 5.78
C MET B 244 25.37 14.13 5.29
N SER B 245 26.23 13.98 4.31
CA SER B 245 26.82 12.78 3.71
C SER B 245 27.79 12.07 4.66
N SER B 246 27.56 12.21 5.97
CA SER B 246 28.42 11.58 6.98
C SER B 246 28.02 10.13 7.26
N LEU B 247 26.75 9.92 7.59
CA LEU B 247 26.28 8.57 7.94
C LEU B 247 26.00 7.71 6.69
N VAL B 248 26.74 8.01 5.62
CA VAL B 248 26.78 7.18 4.42
C VAL B 248 28.23 6.95 3.99
N ALA B 249 29.09 6.71 4.98
CA ALA B 249 30.52 6.49 4.74
C ALA B 249 31.01 5.26 5.50
N GLN C 2 -33.29 -3.91 -18.42
CA GLN C 2 -32.42 -2.74 -18.77
C GLN C 2 -31.93 -2.92 -20.25
N PRO C 3 -32.73 -2.48 -21.26
CA PRO C 3 -32.43 -2.57 -22.72
C PRO C 3 -31.06 -1.98 -23.11
N TYR C 4 -30.80 -0.78 -22.60
CA TYR C 4 -29.57 -0.02 -22.86
C TYR C 4 -28.30 -0.80 -22.52
N TRP C 5 -28.28 -1.42 -21.36
CA TRP C 5 -27.10 -2.16 -20.95
C TRP C 5 -26.92 -3.38 -21.83
N ALA C 6 -28.00 -4.10 -22.12
CA ALA C 6 -27.87 -5.30 -22.95
C ALA C 6 -27.27 -4.95 -24.31
N ALA C 7 -27.63 -3.79 -24.86
CA ALA C 7 -27.08 -3.38 -26.15
C ALA C 7 -25.60 -3.05 -26.00
N ILE C 8 -25.24 -2.40 -24.90
CA ILE C 8 -23.84 -2.05 -24.65
C ILE C 8 -23.07 -3.36 -24.57
N GLU C 9 -23.66 -4.32 -23.86
CA GLU C 9 -23.11 -5.65 -23.70
C GLU C 9 -22.79 -6.27 -25.06
N ALA C 10 -23.83 -6.37 -25.88
CA ALA C 10 -23.72 -6.94 -27.20
C ALA C 10 -22.76 -6.20 -28.13
N ASP C 11 -22.69 -4.88 -28.03
CA ASP C 11 -21.75 -4.16 -28.89
C ASP C 11 -20.33 -4.59 -28.54
N ILE C 12 -20.08 -4.79 -27.25
CA ILE C 12 -18.75 -5.21 -26.78
C ILE C 12 -18.43 -6.60 -27.29
N GLU C 13 -19.44 -7.46 -27.22
CA GLU C 13 -19.32 -8.82 -27.68
C GLU C 13 -19.02 -8.95 -29.17
N ARG C 14 -19.73 -8.16 -29.97
CA ARG C 14 -19.57 -8.14 -31.42
C ARG C 14 -18.17 -7.69 -31.83
N TYR C 15 -17.63 -6.71 -31.10
CA TYR C 15 -16.32 -6.19 -31.38
C TYR C 15 -15.27 -7.22 -31.05
N LEU C 16 -15.48 -7.91 -29.95
CA LEU C 16 -14.56 -8.93 -29.53
C LEU C 16 -14.54 -9.99 -30.58
N LYS C 17 -15.74 -10.39 -30.98
CA LYS C 17 -15.97 -11.42 -31.96
C LYS C 17 -15.36 -11.17 -33.33
N LYS C 18 -15.28 -9.92 -33.72
CA LYS C 18 -14.68 -9.60 -35.00
C LYS C 18 -13.17 -9.46 -34.77
N SER C 19 -12.78 -9.32 -33.51
CA SER C 19 -11.37 -9.20 -33.17
C SER C 19 -10.69 -10.55 -32.91
N ILE C 20 -11.38 -11.45 -32.22
CA ILE C 20 -10.78 -12.77 -31.93
C ILE C 20 -11.27 -13.85 -32.90
N THR C 21 -10.53 -14.06 -34.00
CA THR C 21 -10.89 -15.03 -35.01
C THR C 21 -10.11 -16.34 -34.93
N ILE C 22 -10.82 -17.46 -34.88
CA ILE C 22 -10.11 -18.72 -34.87
C ILE C 22 -9.48 -18.94 -36.25
N ARG C 23 -8.16 -18.99 -36.25
CA ARG C 23 -7.38 -19.17 -37.45
C ARG C 23 -6.31 -20.25 -37.11
N PRO C 24 -5.73 -20.89 -38.13
CA PRO C 24 -4.70 -21.90 -37.83
C PRO C 24 -3.61 -21.07 -37.18
N PRO C 25 -2.90 -21.59 -36.15
CA PRO C 25 -2.99 -22.86 -35.44
C PRO C 25 -4.20 -22.94 -34.46
N GLU C 26 -5.16 -23.80 -34.80
CA GLU C 26 -6.40 -23.97 -34.05
C GLU C 26 -6.10 -24.31 -32.60
N THR C 27 -5.01 -25.02 -32.38
CA THR C 27 -4.63 -25.44 -31.05
C THR C 27 -4.40 -24.19 -30.14
N VAL C 28 -3.99 -23.06 -30.74
CA VAL C 28 -3.78 -21.85 -29.94
C VAL C 28 -5.02 -20.92 -29.92
N PHE C 29 -5.59 -20.62 -31.09
CA PHE C 29 -6.74 -19.71 -31.10
C PHE C 29 -8.05 -20.32 -30.65
N GLY C 30 -8.16 -21.65 -30.63
CA GLY C 30 -9.39 -22.23 -30.12
C GLY C 30 -9.51 -21.87 -28.63
N PRO C 31 -8.54 -22.29 -27.83
CA PRO C 31 -8.66 -21.93 -26.44
C PRO C 31 -8.74 -20.40 -26.19
N MET C 32 -8.03 -19.61 -26.98
CA MET C 32 -8.09 -18.19 -26.74
C MET C 32 -9.55 -17.77 -26.96
N HIS C 33 -10.21 -18.31 -27.98
CA HIS C 33 -11.58 -17.94 -28.23
C HIS C 33 -12.50 -18.47 -27.16
N HIS C 34 -12.40 -19.76 -26.83
CA HIS C 34 -13.30 -20.30 -25.81
C HIS C 34 -13.20 -19.63 -24.43
N LEU C 35 -11.98 -19.49 -23.91
CA LEU C 35 -11.87 -18.94 -22.58
C LEU C 35 -12.31 -17.48 -22.52
N THR C 36 -12.04 -16.74 -23.57
CA THR C 36 -12.46 -15.36 -23.57
C THR C 36 -13.97 -15.19 -23.47
N PHE C 37 -14.76 -16.13 -24.01
CA PHE C 37 -16.23 -15.96 -23.97
C PHE C 37 -16.95 -16.82 -22.94
N ALA C 38 -16.21 -17.73 -22.31
CA ALA C 38 -16.79 -18.57 -21.28
C ALA C 38 -16.53 -17.80 -20.01
N ALA C 39 -15.93 -16.63 -20.13
CA ALA C 39 -15.66 -15.85 -18.92
C ALA C 39 -16.92 -15.04 -18.66
N PRO C 40 -17.38 -14.98 -17.41
CA PRO C 40 -18.60 -14.19 -17.15
C PRO C 40 -18.34 -12.74 -17.58
N ALA C 41 -19.32 -12.07 -18.16
CA ALA C 41 -19.11 -10.69 -18.60
C ALA C 41 -18.94 -9.81 -17.36
N THR C 42 -18.22 -8.69 -17.48
CA THR C 42 -18.03 -7.81 -16.34
C THR C 42 -18.53 -6.39 -16.57
N ALA C 43 -19.20 -5.89 -15.56
CA ALA C 43 -19.75 -4.55 -15.61
C ALA C 43 -18.61 -3.52 -15.69
N ALA C 44 -17.39 -3.98 -15.58
CA ALA C 44 -16.29 -3.05 -15.66
C ALA C 44 -16.21 -2.63 -17.10
N SER C 45 -16.52 -3.56 -17.99
CA SER C 45 -16.42 -3.28 -19.39
C SER C 45 -17.55 -2.36 -19.83
N THR C 46 -18.77 -2.66 -19.39
CA THR C 46 -19.90 -1.80 -19.77
C THR C 46 -19.73 -0.42 -19.18
N LEU C 47 -19.35 -0.36 -17.90
CA LEU C 47 -19.14 0.92 -17.24
C LEU C 47 -18.26 1.82 -18.10
N CYS C 48 -17.30 1.20 -18.77
CA CYS C 48 -16.39 1.94 -19.62
C CYS C 48 -17.10 2.75 -20.71
N LEU C 49 -18.00 2.10 -21.47
CA LEU C 49 -18.74 2.79 -22.52
C LEU C 49 -19.78 3.75 -21.87
N ALA C 50 -20.49 3.30 -20.84
CA ALA C 50 -21.50 4.16 -20.24
C ALA C 50 -20.86 5.46 -19.76
N ALA C 51 -19.64 5.37 -19.23
CA ALA C 51 -18.99 6.56 -18.71
C ALA C 51 -18.50 7.42 -19.85
N CYS C 52 -18.21 6.80 -20.98
CA CYS C 52 -17.76 7.60 -22.09
C CYS C 52 -18.96 8.36 -22.63
N GLU C 53 -20.09 7.69 -22.73
CA GLU C 53 -21.27 8.37 -23.22
C GLU C 53 -21.76 9.39 -22.20
N LEU C 54 -21.75 9.06 -20.91
CA LEU C 54 -22.17 10.00 -19.89
C LEU C 54 -21.32 11.28 -19.88
N VAL C 55 -20.11 11.25 -20.40
CA VAL C 55 -19.37 12.52 -20.38
C VAL C 55 -19.42 13.29 -21.68
N GLY C 56 -19.84 12.66 -22.78
CA GLY C 56 -19.93 13.38 -24.02
C GLY C 56 -19.38 12.72 -25.27
N GLY C 57 -18.56 11.69 -25.11
CA GLY C 57 -18.02 11.04 -26.28
C GLY C 57 -18.89 9.93 -26.82
N ASP C 58 -18.47 9.31 -27.93
CA ASP C 58 -19.25 8.20 -28.47
C ASP C 58 -18.70 6.84 -28.08
N ARG C 59 -19.63 5.92 -27.87
CA ARG C 59 -19.35 4.53 -27.52
C ARG C 59 -18.11 4.03 -28.28
N SER C 60 -18.06 4.33 -29.56
CA SER C 60 -16.95 3.85 -30.35
C SER C 60 -15.64 4.36 -29.81
N GLN C 61 -15.70 5.46 -29.06
CA GLN C 61 -14.50 6.05 -28.48
C GLN C 61 -13.81 5.14 -27.39
N ALA C 62 -14.56 4.21 -26.78
CA ALA C 62 -14.01 3.33 -25.74
C ALA C 62 -14.23 1.85 -25.94
N MET C 63 -14.48 1.41 -27.17
CA MET C 63 -14.69 -0.02 -27.44
C MET C 63 -13.40 -0.83 -27.16
N ALA C 64 -12.29 -0.35 -27.69
CA ALA C 64 -11.03 -0.99 -27.46
C ALA C 64 -10.76 -1.13 -25.93
N ALA C 65 -10.99 -0.06 -25.15
CA ALA C 65 -10.76 -0.13 -23.70
C ALA C 65 -11.73 -1.12 -23.05
N ALA C 66 -13.01 -1.00 -23.38
CA ALA C 66 -13.97 -1.91 -22.81
C ALA C 66 -13.59 -3.36 -23.11
N ALA C 67 -13.07 -3.61 -24.32
CA ALA C 67 -12.65 -4.94 -24.80
C ALA C 67 -11.38 -5.38 -24.06
N ALA C 68 -10.43 -4.44 -23.91
CA ALA C 68 -9.20 -4.76 -23.20
C ALA C 68 -9.55 -5.07 -21.71
N ILE C 69 -10.56 -4.35 -21.19
CA ILE C 69 -10.95 -4.53 -19.81
C ILE C 69 -11.57 -5.89 -19.60
N HIS C 70 -12.37 -6.27 -20.57
CA HIS C 70 -12.98 -7.59 -20.42
C HIS C 70 -11.93 -8.72 -20.45
N LEU C 71 -10.95 -8.60 -21.35
CA LEU C 71 -9.93 -9.62 -21.53
C LEU C 71 -9.08 -9.79 -20.30
N VAL C 72 -8.79 -8.69 -19.61
CA VAL C 72 -7.96 -8.70 -18.42
C VAL C 72 -8.70 -9.44 -17.34
N HIS C 73 -9.98 -9.25 -17.32
CA HIS C 73 -10.75 -9.92 -16.29
C HIS C 73 -10.90 -11.43 -16.67
N ALA C 74 -10.93 -11.74 -17.97
CA ALA C 74 -11.10 -13.13 -18.40
C ALA C 74 -9.87 -13.94 -18.00
N ALA C 75 -8.67 -13.41 -18.25
CA ALA C 75 -7.46 -14.11 -17.88
C ALA C 75 -7.36 -14.39 -16.38
N ALA C 76 -7.78 -13.42 -15.57
CA ALA C 76 -7.72 -13.56 -14.12
C ALA C 76 -8.70 -14.61 -13.67
N TYR C 77 -9.78 -14.71 -14.40
CA TYR C 77 -10.81 -15.71 -14.11
C TYR C 77 -10.29 -17.13 -14.39
N VAL C 78 -9.67 -17.30 -15.56
CA VAL C 78 -9.11 -18.56 -15.96
C VAL C 78 -7.99 -18.97 -14.99
N HIS C 79 -7.16 -18.02 -14.59
CA HIS C 79 -6.06 -18.26 -13.66
C HIS C 79 -6.51 -18.48 -12.23
N GLU C 80 -7.71 -18.01 -11.91
CA GLU C 80 -8.33 -18.21 -10.61
C GLU C 80 -8.77 -19.66 -10.41
N HIS C 81 -9.12 -20.32 -11.52
CA HIS C 81 -9.61 -21.69 -11.51
C HIS C 81 -8.59 -22.67 -12.10
N LEU C 82 -7.38 -22.66 -11.54
CA LEU C 82 -6.30 -23.49 -12.09
C LEU C 82 -5.86 -24.75 -11.29
N PRO C 83 -6.84 -25.57 -10.85
CA PRO C 83 -6.52 -26.96 -10.58
C PRO C 83 -7.32 -27.89 -11.50
N PRO C 84 -7.07 -29.22 -11.44
CA PRO C 84 -8.04 -30.11 -12.06
C PRO C 84 -9.24 -30.33 -11.13
N ALA C 85 -9.91 -29.25 -10.77
CA ALA C 85 -11.08 -29.29 -9.87
C ALA C 85 -12.21 -30.07 -10.52
N ILE C 86 -12.54 -29.70 -11.75
CA ILE C 86 -13.48 -30.44 -12.58
C ILE C 86 -12.83 -30.60 -13.96
N GLN C 87 -13.37 -31.51 -14.77
CA GLN C 87 -12.90 -31.67 -16.15
C GLN C 87 -13.27 -30.42 -16.95
N HIS C 88 -12.38 -29.43 -16.93
CA HIS C 88 -12.54 -28.24 -17.76
C HIS C 88 -12.35 -28.62 -19.22
N LYS C 89 -12.75 -27.80 -20.20
CA LYS C 89 -12.69 -28.11 -21.60
C LYS C 89 -11.22 -28.15 -22.01
N TYR C 90 -10.38 -27.44 -21.28
CA TYR C 90 -8.94 -27.43 -21.58
C TYR C 90 -8.08 -27.81 -20.40
N GLY C 91 -6.99 -28.53 -20.66
CA GLY C 91 -6.06 -28.89 -19.60
C GLY C 91 -5.48 -27.66 -18.88
N PRO C 92 -4.89 -27.85 -17.70
CA PRO C 92 -4.33 -26.74 -16.94
C PRO C 92 -3.19 -25.96 -17.56
N ASN C 93 -2.31 -26.62 -18.31
CA ASN C 93 -1.21 -25.86 -18.89
C ASN C 93 -1.72 -24.94 -20.03
N VAL C 94 -2.64 -25.45 -20.85
CA VAL C 94 -3.16 -24.68 -21.96
C VAL C 94 -3.95 -23.49 -21.45
N GLU C 95 -4.70 -23.66 -20.37
CA GLU C 95 -5.44 -22.55 -19.78
C GLU C 95 -4.53 -21.49 -19.13
N LEU C 96 -3.53 -21.95 -18.39
CA LEU C 96 -2.62 -21.00 -17.81
C LEU C 96 -1.99 -20.23 -18.99
N LEU C 97 -1.59 -20.91 -20.06
CA LEU C 97 -0.92 -20.21 -21.17
C LEU C 97 -1.85 -19.30 -21.92
N THR C 98 -3.05 -19.74 -22.16
CA THR C 98 -3.99 -18.90 -22.83
C THR C 98 -4.22 -17.59 -22.04
N GLY C 99 -4.39 -17.68 -20.71
CA GLY C 99 -4.57 -16.50 -19.89
C GLY C 99 -3.43 -15.52 -20.20
N ASP C 100 -2.22 -16.04 -20.28
CA ASP C 100 -1.06 -15.22 -20.56
C ASP C 100 -1.10 -14.63 -21.95
N GLY C 101 -1.93 -15.21 -22.81
CA GLY C 101 -2.02 -14.70 -24.16
C GLY C 101 -3.19 -13.75 -24.30
N ILE C 102 -4.14 -13.79 -23.39
CA ILE C 102 -5.27 -12.91 -23.48
C ILE C 102 -4.91 -11.49 -23.05
N VAL C 103 -4.17 -11.39 -21.96
CA VAL C 103 -3.81 -10.08 -21.47
C VAL C 103 -3.16 -9.23 -22.54
N PRO C 104 -2.08 -9.72 -23.15
CA PRO C 104 -1.47 -8.88 -24.18
C PRO C 104 -2.38 -8.55 -25.36
N PHE C 105 -3.24 -9.47 -25.74
CA PHE C 105 -4.07 -9.19 -26.88
C PHE C 105 -4.83 -7.90 -26.55
N GLY C 106 -5.24 -7.76 -25.30
CA GLY C 106 -5.93 -6.57 -24.87
C GLY C 106 -5.15 -5.29 -25.16
N PHE C 107 -3.84 -5.32 -24.93
CA PHE C 107 -3.02 -4.12 -25.21
C PHE C 107 -2.82 -3.95 -26.74
N GLU C 108 -3.01 -5.04 -27.47
CA GLU C 108 -2.82 -4.97 -28.91
C GLU C 108 -3.99 -4.20 -29.52
N LEU C 109 -5.18 -4.41 -28.97
CA LEU C 109 -6.37 -3.75 -29.45
C LEU C 109 -6.22 -2.25 -29.21
N LEU C 110 -5.90 -1.89 -27.98
CA LEU C 110 -5.73 -0.48 -27.67
C LEU C 110 -4.75 0.16 -28.63
N ALA C 111 -3.52 -0.35 -28.65
CA ALA C 111 -2.46 0.16 -29.53
C ALA C 111 -2.95 0.40 -30.94
N GLY C 112 -3.42 -0.66 -31.57
CA GLY C 112 -3.89 -0.55 -32.94
C GLY C 112 -5.11 0.32 -33.11
N SER C 113 -5.67 0.83 -32.02
CA SER C 113 -6.85 1.66 -32.11
C SER C 113 -6.52 3.17 -32.15
N VAL C 114 -5.26 3.52 -32.37
CA VAL C 114 -4.89 4.93 -32.43
C VAL C 114 -5.29 5.47 -33.79
N ASP C 115 -6.15 6.49 -33.82
CA ASP C 115 -6.56 7.08 -35.08
C ASP C 115 -5.66 8.31 -35.21
N PRO C 116 -4.78 8.30 -36.21
CA PRO C 116 -3.89 9.46 -36.38
C PRO C 116 -4.64 10.68 -36.93
N ALA C 117 -5.96 10.56 -37.06
CA ALA C 117 -6.79 11.66 -37.55
C ALA C 117 -7.22 12.46 -36.32
N ARG C 118 -7.39 11.77 -35.19
CA ARG C 118 -7.75 12.47 -33.95
C ARG C 118 -6.39 12.85 -33.32
N THR C 119 -6.10 14.15 -33.29
CA THR C 119 -4.84 14.66 -32.73
C THR C 119 -4.59 14.18 -31.30
N ASP C 120 -5.63 14.12 -30.49
CA ASP C 120 -5.49 13.73 -29.08
C ASP C 120 -5.46 12.27 -28.66
N ASP C 121 -5.50 11.36 -29.63
CA ASP C 121 -5.52 9.96 -29.30
C ASP C 121 -4.29 9.41 -28.61
N PRO C 122 -3.09 9.53 -29.23
CA PRO C 122 -1.85 9.04 -28.62
C PRO C 122 -1.83 9.10 -27.09
N ASP C 123 -2.10 10.29 -26.56
CA ASP C 123 -2.12 10.54 -25.12
C ASP C 123 -3.27 9.93 -24.34
N ARG C 124 -4.47 10.02 -24.86
CA ARG C 124 -5.55 9.41 -24.14
C ARG C 124 -5.29 7.89 -23.99
N ILE C 125 -4.92 7.26 -25.08
CA ILE C 125 -4.67 5.84 -25.09
C ILE C 125 -3.48 5.42 -24.23
N LEU C 126 -2.47 6.25 -24.15
CA LEU C 126 -1.32 5.89 -23.34
C LEU C 126 -1.75 5.76 -21.87
N ARG C 127 -2.45 6.78 -21.43
CA ARG C 127 -2.95 6.86 -20.09
C ARG C 127 -3.95 5.72 -19.83
N VAL C 128 -4.69 5.27 -20.86
CA VAL C 128 -5.61 4.18 -20.63
C VAL C 128 -4.86 2.86 -20.45
N ILE C 129 -3.73 2.77 -21.11
CA ILE C 129 -2.91 1.58 -20.99
C ILE C 129 -2.30 1.66 -19.57
N ILE C 130 -1.87 2.83 -19.11
CA ILE C 130 -1.34 2.91 -17.75
C ILE C 130 -2.40 2.52 -16.72
N GLU C 131 -3.59 3.09 -16.81
CA GLU C 131 -4.68 2.76 -15.87
C GLU C 131 -5.09 1.29 -15.91
N ILE C 132 -5.10 0.68 -17.09
CA ILE C 132 -5.49 -0.72 -17.23
C ILE C 132 -4.39 -1.65 -16.76
N SER C 133 -3.13 -1.35 -17.06
CA SER C 133 -2.12 -2.28 -16.61
C SER C 133 -1.98 -2.19 -15.12
N ARG C 134 -2.38 -1.07 -14.54
CA ARG C 134 -2.30 -0.97 -13.08
C ARG C 134 -3.44 -1.66 -12.38
N ALA C 135 -4.67 -1.43 -12.83
CA ALA C 135 -5.77 -2.10 -12.16
C ALA C 135 -5.55 -3.60 -12.25
N GLY C 136 -4.92 -4.05 -13.31
CA GLY C 136 -4.73 -5.47 -13.44
C GLY C 136 -3.49 -5.94 -12.74
N GLY C 137 -2.61 -4.99 -12.38
CA GLY C 137 -1.35 -5.31 -11.72
C GLY C 137 -1.36 -5.78 -10.28
N PRO C 138 -0.16 -5.98 -9.70
CA PRO C 138 0.09 -6.44 -8.34
C PRO C 138 -0.53 -5.59 -7.27
N GLU C 139 -0.93 -4.38 -7.61
CA GLU C 139 -1.52 -3.54 -6.57
C GLU C 139 -3.01 -3.42 -6.68
N GLY C 140 -3.55 -4.00 -7.76
CA GLY C 140 -4.99 -3.98 -7.97
C GLY C 140 -5.65 -5.36 -7.84
N MET C 141 -6.14 -5.85 -8.94
CA MET C 141 -6.81 -7.14 -8.98
C MET C 141 -5.98 -8.34 -8.39
N ILE C 142 -4.67 -8.33 -8.61
CA ILE C 142 -3.81 -9.38 -8.12
C ILE C 142 -3.76 -9.34 -6.58
N SER C 143 -3.77 -8.14 -6.00
CA SER C 143 -3.80 -7.96 -4.56
C SER C 143 -5.00 -8.81 -4.12
N GLY C 144 -6.09 -8.62 -4.84
CA GLY C 144 -7.30 -9.36 -4.54
C GLY C 144 -7.19 -10.86 -4.76
N LEU C 145 -6.76 -11.31 -5.93
CA LEU C 145 -6.67 -12.72 -6.13
C LEU C 145 -5.80 -13.40 -5.03
N HIS C 146 -4.80 -12.66 -4.61
CA HIS C 146 -3.88 -13.14 -3.62
C HIS C 146 -4.44 -13.32 -2.25
N ARG C 147 -5.03 -12.27 -1.65
CA ARG C 147 -5.61 -12.35 -0.29
C ARG C 147 -6.86 -13.22 -0.25
N GLU C 148 -7.47 -13.45 -1.41
CA GLU C 148 -8.65 -14.28 -1.49
C GLU C 148 -8.28 -15.63 -0.85
N GLU C 149 -7.04 -16.05 -1.07
CA GLU C 149 -6.49 -17.28 -0.54
C GLU C 149 -6.58 -17.38 0.98
N GLU C 150 -6.47 -16.26 1.65
CA GLU C 150 -6.51 -16.24 3.11
C GLU C 150 -7.92 -16.41 3.73
N ILE C 151 -8.97 -16.54 2.92
CA ILE C 151 -10.33 -16.64 3.45
C ILE C 151 -10.71 -18.03 3.93
N VAL C 152 -11.34 -18.14 5.11
CA VAL C 152 -11.86 -19.38 5.70
C VAL C 152 -13.36 -19.23 5.98
N ASP C 153 -14.12 -18.98 4.91
CA ASP C 153 -15.59 -18.77 4.94
C ASP C 153 -16.19 -18.32 6.29
N GLY C 154 -16.55 -19.28 7.14
CA GLY C 154 -17.18 -18.99 8.42
C GLY C 154 -16.20 -18.69 9.53
N ASN C 155 -15.13 -17.96 9.21
CA ASN C 155 -14.11 -17.60 10.19
C ASN C 155 -13.52 -16.21 9.92
N THR C 156 -13.45 -15.82 8.65
CA THR C 156 -12.94 -14.50 8.27
C THR C 156 -14.04 -13.44 8.34
N SER C 157 -13.64 -12.23 8.76
CA SER C 157 -14.57 -11.11 8.95
C SER C 157 -15.07 -10.53 7.63
N LEU C 158 -16.14 -9.75 7.71
CA LEU C 158 -16.71 -9.07 6.55
C LEU C 158 -15.81 -7.94 6.06
N ASP C 159 -15.03 -7.37 6.99
CA ASP C 159 -14.03 -6.34 6.66
C ASP C 159 -12.95 -6.89 5.74
N PHE C 160 -12.53 -8.14 6.00
CA PHE C 160 -11.54 -8.83 5.18
C PHE C 160 -12.12 -9.18 3.82
N ILE C 161 -13.35 -9.68 3.80
CA ILE C 161 -14.05 -10.05 2.56
C ILE C 161 -14.31 -8.83 1.68
N GLU C 162 -14.75 -7.74 2.47
CA GLU C 162 -15.01 -6.54 1.70
C GLU C 162 -13.73 -5.95 1.05
N TYR C 163 -12.53 -6.16 1.63
CA TYR C 163 -11.29 -5.58 1.04
C TYR C 163 -10.85 -6.44 -0.12
N VAL C 164 -11.01 -7.75 0.02
CA VAL C 164 -10.66 -8.59 -1.12
C VAL C 164 -11.62 -8.17 -2.26
N CYS C 165 -12.86 -7.84 -1.93
CA CYS C 165 -13.77 -7.39 -2.98
C CYS C 165 -13.38 -6.03 -3.59
N LYS C 166 -12.84 -5.12 -2.78
CA LYS C 166 -12.39 -3.83 -3.31
C LYS C 166 -11.19 -4.07 -4.28
N LYS C 167 -10.27 -4.97 -3.94
CA LYS C 167 -9.12 -5.24 -4.82
C LYS C 167 -9.45 -6.14 -6.02
N LYS C 168 -10.20 -7.22 -5.79
CA LYS C 168 -10.52 -8.11 -6.87
C LYS C 168 -11.52 -7.55 -7.91
N TYR C 169 -12.57 -6.82 -7.49
CA TYR C 169 -13.58 -6.29 -8.41
C TYR C 169 -13.62 -4.79 -8.51
N GLY C 170 -13.49 -4.15 -7.36
CA GLY C 170 -13.52 -2.70 -7.29
C GLY C 170 -12.58 -2.05 -8.27
N GLU C 171 -11.28 -2.18 -8.00
CA GLU C 171 -10.23 -1.57 -8.82
C GLU C 171 -10.49 -1.63 -10.35
N MET C 172 -10.89 -2.77 -10.84
CA MET C 172 -11.17 -2.88 -12.27
C MET C 172 -12.39 -2.01 -12.70
N HIS C 173 -13.39 -1.92 -11.83
CA HIS C 173 -14.56 -1.14 -12.17
C HIS C 173 -14.19 0.33 -12.16
N ALA C 174 -13.40 0.73 -11.18
CA ALA C 174 -12.95 2.11 -11.07
C ALA C 174 -12.18 2.41 -12.31
N CYS C 175 -11.45 1.42 -12.79
CA CYS C 175 -10.64 1.59 -13.97
C CYS C 175 -11.55 1.78 -15.18
N GLY C 176 -12.55 0.93 -15.31
CA GLY C 176 -13.46 1.04 -16.42
C GLY C 176 -14.10 2.42 -16.46
N ALA C 177 -14.76 2.80 -15.39
CA ALA C 177 -15.38 4.11 -15.35
C ALA C 177 -14.36 5.22 -15.68
N ALA C 178 -13.20 5.19 -15.04
CA ALA C 178 -12.21 6.24 -15.31
C ALA C 178 -11.63 6.22 -16.71
N CYS C 179 -11.60 5.07 -17.34
CA CYS C 179 -11.04 4.99 -18.69
C CYS C 179 -12.03 5.50 -19.72
N GLY C 180 -13.30 5.40 -19.38
CA GLY C 180 -14.31 5.88 -20.29
C GLY C 180 -14.28 7.40 -20.21
N ALA C 181 -14.20 7.94 -18.99
CA ALA C 181 -14.14 9.40 -18.80
C ALA C 181 -12.95 9.96 -19.58
N ILE C 182 -11.83 9.29 -19.46
CA ILE C 182 -10.65 9.74 -20.17
C ILE C 182 -10.87 9.73 -21.69
N LEU C 183 -11.32 8.60 -22.22
CA LEU C 183 -11.56 8.47 -23.65
C LEU C 183 -12.60 9.42 -24.20
N GLY C 184 -13.48 9.87 -23.32
CA GLY C 184 -14.52 10.80 -23.69
C GLY C 184 -14.10 12.23 -23.37
N GLY C 185 -12.81 12.43 -23.12
CA GLY C 185 -12.32 13.75 -22.83
C GLY C 185 -12.89 14.51 -21.64
N ALA C 186 -13.42 13.81 -20.64
CA ALA C 186 -13.97 14.48 -19.48
C ALA C 186 -12.82 15.20 -18.78
N ALA C 187 -13.16 15.98 -17.76
CA ALA C 187 -12.17 16.73 -17.01
C ALA C 187 -11.78 15.98 -15.74
N GLU C 188 -10.55 16.21 -15.31
CA GLU C 188 -10.04 15.55 -14.12
C GLU C 188 -11.01 15.43 -12.95
N GLU C 189 -11.83 16.44 -12.72
CA GLU C 189 -12.78 16.37 -11.60
C GLU C 189 -13.76 15.23 -11.92
N GLU C 190 -14.25 15.19 -13.17
CA GLU C 190 -15.21 14.17 -13.63
C GLU C 190 -14.64 12.74 -13.50
N ILE C 191 -13.38 12.59 -13.91
CA ILE C 191 -12.72 11.32 -13.87
C ILE C 191 -12.66 10.73 -12.44
N GLN C 192 -12.16 11.52 -11.50
CA GLN C 192 -12.06 11.09 -10.12
C GLN C 192 -13.37 10.67 -9.58
N LYS C 193 -14.42 11.37 -9.97
CA LYS C 193 -15.77 11.05 -9.50
C LYS C 193 -16.23 9.74 -10.07
N LEU C 194 -16.10 9.55 -11.38
CA LEU C 194 -16.56 8.27 -11.90
C LEU C 194 -15.66 7.12 -11.40
N ARG C 195 -14.37 7.42 -11.25
CA ARG C 195 -13.43 6.46 -10.75
C ARG C 195 -13.98 5.94 -9.45
N ASN C 196 -14.27 6.88 -8.55
CA ASN C 196 -14.79 6.48 -7.26
C ASN C 196 -16.10 5.77 -7.39
N PHE C 197 -16.88 6.18 -8.37
CA PHE C 197 -18.18 5.56 -8.55
C PHE C 197 -17.98 4.09 -8.87
N GLY C 198 -16.96 3.84 -9.67
CA GLY C 198 -16.68 2.50 -10.11
C GLY C 198 -16.19 1.58 -9.03
N LEU C 199 -15.33 2.12 -8.15
CA LEU C 199 -14.79 1.35 -7.07
C LEU C 199 -15.92 0.86 -6.17
N TYR C 200 -16.89 1.73 -5.86
CA TYR C 200 -17.99 1.33 -4.98
C TYR C 200 -18.87 0.30 -5.65
N GLN C 201 -19.23 0.61 -6.88
CA GLN C 201 -20.06 -0.26 -7.71
C GLN C 201 -19.46 -1.68 -7.78
N GLY C 202 -18.19 -1.78 -8.20
CA GLY C 202 -17.49 -3.05 -8.31
C GLY C 202 -17.34 -3.80 -6.98
N THR C 203 -17.17 -3.08 -5.88
CA THR C 203 -17.02 -3.72 -4.60
C THR C 203 -18.35 -4.36 -4.26
N LEU C 204 -19.41 -3.59 -4.41
CA LEU C 204 -20.75 -4.07 -4.13
C LEU C 204 -21.06 -5.26 -5.02
N ARG C 205 -20.66 -5.21 -6.29
CA ARG C 205 -20.89 -6.31 -7.19
C ARG C 205 -20.12 -7.53 -6.69
N GLY C 206 -18.96 -7.36 -6.35
CA GLY C 206 -18.15 -8.44 -5.80
C GLY C 206 -18.77 -9.09 -4.57
N MET C 207 -19.51 -8.29 -3.81
CA MET C 207 -20.20 -8.78 -2.61
C MET C 207 -21.34 -9.72 -2.96
N MET C 208 -21.84 -9.61 -4.19
CA MET C 208 -22.91 -10.47 -4.70
C MET C 208 -22.40 -11.88 -5.00
N GLU C 209 -21.20 -11.96 -5.59
CA GLU C 209 -20.58 -13.25 -5.92
C GLU C 209 -19.93 -13.92 -4.72
N MET C 210 -19.76 -13.16 -3.65
CA MET C 210 -19.26 -13.70 -2.38
C MET C 210 -20.41 -14.00 -1.43
N LYS C 211 -21.62 -13.59 -1.82
CA LYS C 211 -22.85 -13.88 -1.09
C LYS C 211 -23.25 -15.35 -1.25
N ASN C 212 -22.81 -15.96 -2.35
CA ASN C 212 -23.17 -17.34 -2.70
C ASN C 212 -22.46 -18.42 -1.85
N SER C 213 -21.85 -18.01 -0.75
CA SER C 213 -21.18 -18.94 0.17
C SER C 213 -21.08 -18.38 1.58
N HIS C 214 -20.40 -17.24 1.72
CA HIS C 214 -20.20 -16.60 3.01
C HIS C 214 -21.33 -15.59 3.23
N GLN C 215 -22.50 -16.11 3.58
CA GLN C 215 -23.76 -15.37 3.50
C GLN C 215 -24.09 -14.53 4.74
N LEU C 216 -23.20 -14.51 5.72
CA LEU C 216 -23.38 -13.68 6.91
C LEU C 216 -23.10 -12.20 6.60
N ILE C 217 -23.31 -11.84 5.33
CA ILE C 217 -23.15 -10.47 4.87
C ILE C 217 -24.21 -9.58 5.49
N ASP C 218 -23.77 -8.73 6.42
CA ASP C 218 -24.63 -7.70 7.00
C ASP C 218 -25.17 -6.86 5.84
N GLU C 219 -26.49 -6.87 5.68
CA GLU C 219 -27.15 -6.16 4.57
C GLU C 219 -26.83 -4.66 4.53
N ASN C 220 -26.21 -4.18 5.60
CA ASN C 220 -25.75 -2.79 5.68
C ASN C 220 -24.41 -2.56 4.97
N ILE C 221 -23.69 -3.65 4.68
CA ILE C 221 -22.47 -3.58 3.88
C ILE C 221 -22.85 -3.31 2.41
N ILE C 222 -24.03 -3.97 1.88
CA ILE C 222 -24.63 -3.68 0.58
C ILE C 222 -25.19 -2.26 0.63
N GLY C 223 -25.76 -1.92 1.79
CA GLY C 223 -26.29 -0.60 1.98
C GLY C 223 -25.32 0.54 1.87
N LYS C 224 -24.20 0.46 2.59
CA LYS C 224 -23.29 1.58 2.55
C LYS C 224 -22.68 1.71 1.22
N LEU C 225 -22.41 0.58 0.59
CA LEU C 225 -21.81 0.62 -0.75
C LEU C 225 -22.73 1.30 -1.83
N LYS C 226 -24.02 0.94 -1.84
CA LYS C 226 -24.96 1.56 -2.79
C LYS C 226 -24.97 3.05 -2.58
N GLU C 227 -25.14 3.39 -1.30
CA GLU C 227 -25.20 4.74 -0.81
C GLU C 227 -23.95 5.55 -1.08
N LEU C 228 -22.77 4.94 -0.98
CA LEU C 228 -21.52 5.65 -1.27
C LEU C 228 -21.37 5.84 -2.76
N ALA C 229 -21.96 4.92 -3.51
CA ALA C 229 -21.92 4.96 -4.95
C ALA C 229 -22.71 6.13 -5.50
N LEU C 230 -23.90 6.34 -4.95
CA LEU C 230 -24.76 7.43 -5.39
C LEU C 230 -24.26 8.77 -4.88
N GLU C 231 -23.84 8.82 -3.63
CA GLU C 231 -23.31 10.07 -3.08
C GLU C 231 -22.22 10.49 -4.05
N GLU C 232 -21.76 9.56 -4.89
CA GLU C 232 -20.69 9.85 -5.86
C GLU C 232 -21.19 10.37 -7.18
N LEU C 233 -22.32 9.83 -7.62
CA LEU C 233 -22.91 10.22 -8.88
C LEU C 233 -23.53 11.61 -8.93
N GLY C 234 -23.81 12.22 -7.77
CA GLY C 234 -24.37 13.56 -7.81
C GLY C 234 -23.41 14.53 -8.49
N GLY C 235 -23.88 15.71 -8.84
CA GLY C 235 -22.98 16.64 -9.48
C GLY C 235 -22.89 16.29 -10.95
N PHE C 236 -23.41 15.11 -11.29
CA PHE C 236 -23.40 14.68 -12.69
C PHE C 236 -24.85 14.70 -13.14
N HIS C 237 -25.04 14.90 -14.44
CA HIS C 237 -26.39 14.92 -15.02
C HIS C 237 -26.40 14.22 -16.38
N GLY C 238 -27.59 13.75 -16.78
CA GLY C 238 -27.76 13.07 -18.05
C GLY C 238 -28.61 11.83 -17.89
N LYS C 239 -28.90 11.17 -19.01
CA LYS C 239 -29.69 9.93 -19.03
C LYS C 239 -28.92 8.83 -18.27
N ASN C 240 -27.67 8.68 -18.64
CA ASN C 240 -26.81 7.70 -18.00
C ASN C 240 -26.67 8.05 -16.52
N ALA C 241 -26.89 9.30 -16.16
CA ALA C 241 -26.76 9.67 -14.77
C ALA C 241 -27.92 9.07 -13.96
N GLU C 242 -28.99 8.71 -14.65
CA GLU C 242 -30.18 8.11 -14.06
C GLU C 242 -29.97 6.60 -14.17
N LEU C 243 -29.40 6.24 -15.31
CA LEU C 243 -29.11 4.87 -15.66
C LEU C 243 -27.95 4.26 -14.90
N MET C 244 -26.94 5.05 -14.60
CA MET C 244 -25.79 4.53 -13.88
C MET C 244 -26.32 4.31 -12.49
N SER C 245 -27.10 5.28 -12.04
CA SER C 245 -27.69 5.24 -10.73
C SER C 245 -28.52 3.98 -10.51
N SER C 246 -29.04 3.43 -11.60
CA SER C 246 -29.87 2.23 -11.52
C SER C 246 -29.00 1.04 -11.25
N LEU C 247 -27.79 1.12 -11.78
CA LEU C 247 -26.91 0.02 -11.60
C LEU C 247 -26.69 -0.24 -10.12
N VAL C 248 -27.04 0.73 -9.26
CA VAL C 248 -26.84 0.55 -7.83
C VAL C 248 -28.06 0.59 -6.91
N ALA C 249 -29.19 1.11 -7.40
CA ALA C 249 -30.41 1.21 -6.59
C ALA C 249 -31.68 0.70 -7.27
N MET D 1 39.74 -3.60 -32.23
CA MET D 1 39.27 -4.65 -31.27
C MET D 1 37.98 -4.33 -30.52
N PHE D 2 37.08 -5.31 -30.46
CA PHE D 2 35.88 -5.13 -29.71
C PHE D 2 35.94 -6.11 -28.55
N ASP D 3 35.92 -5.59 -27.33
CA ASP D 3 35.99 -6.36 -26.10
C ASP D 3 34.57 -6.77 -25.66
N PHE D 4 34.00 -7.82 -26.26
CA PHE D 4 32.63 -8.29 -25.94
C PHE D 4 32.35 -8.43 -24.44
N ASP D 5 33.28 -9.10 -23.75
CA ASP D 5 33.20 -9.37 -22.34
C ASP D 5 32.91 -8.13 -21.55
N GLY D 6 33.82 -7.18 -21.62
CA GLY D 6 33.64 -5.91 -20.92
C GLY D 6 32.29 -5.28 -21.28
N TYR D 7 31.97 -5.29 -22.57
CA TYR D 7 30.72 -4.78 -23.02
C TYR D 7 29.55 -5.47 -22.25
N MET D 8 29.36 -6.78 -22.42
CA MET D 8 28.27 -7.48 -21.72
C MET D 8 28.32 -7.19 -20.21
N LEU D 9 29.53 -7.10 -19.70
CA LEU D 9 29.69 -6.80 -18.31
C LEU D 9 29.05 -5.46 -17.96
N ARG D 10 29.33 -4.46 -18.78
CA ARG D 10 28.76 -3.13 -18.56
C ARG D 10 27.24 -3.08 -18.81
N LYS D 11 26.75 -3.62 -19.91
CA LYS D 11 25.30 -3.55 -20.09
C LYS D 11 24.55 -4.37 -19.04
N ALA D 12 25.02 -5.56 -18.71
CA ALA D 12 24.36 -6.39 -17.70
C ALA D 12 24.16 -5.63 -16.40
N LYS D 13 25.23 -4.98 -15.95
CA LYS D 13 25.22 -4.21 -14.71
C LYS D 13 24.21 -3.06 -14.72
N SER D 14 24.07 -2.44 -15.88
CA SER D 14 23.17 -1.32 -16.02
C SER D 14 21.76 -1.82 -15.98
N VAL D 15 21.51 -2.91 -16.69
CA VAL D 15 20.20 -3.49 -16.69
C VAL D 15 19.86 -4.00 -15.27
N ASN D 16 20.78 -4.71 -14.60
CA ASN D 16 20.44 -5.18 -13.25
C ASN D 16 20.12 -3.99 -12.29
N LYS D 17 20.84 -2.88 -12.44
CA LYS D 17 20.58 -1.70 -11.65
C LYS D 17 19.18 -1.13 -11.95
N ALA D 18 18.75 -1.13 -13.21
CA ALA D 18 17.43 -0.60 -13.54
C ALA D 18 16.33 -1.53 -13.06
N LEU D 19 16.51 -2.84 -13.29
CA LEU D 19 15.52 -3.84 -12.84
C LEU D 19 15.22 -3.76 -11.35
N GLU D 20 16.26 -3.78 -10.53
CA GLU D 20 16.06 -3.68 -9.08
C GLU D 20 15.30 -2.42 -8.73
N ALA D 21 15.57 -1.32 -9.46
CA ALA D 21 14.93 -0.02 -9.23
C ALA D 21 13.48 -0.06 -9.65
N ALA D 22 13.17 -0.80 -10.72
CA ALA D 22 11.78 -0.83 -11.23
C ALA D 22 10.76 -1.62 -10.41
N VAL D 23 11.23 -2.74 -9.82
CA VAL D 23 10.36 -3.58 -9.03
C VAL D 23 10.76 -3.54 -7.59
N GLN D 24 10.14 -2.67 -6.86
CA GLN D 24 10.45 -2.52 -5.43
C GLN D 24 9.55 -3.36 -4.55
N MET D 25 10.00 -3.58 -3.32
CA MET D 25 9.19 -4.27 -2.34
C MET D 25 8.15 -3.27 -1.84
N LYS D 26 6.89 -3.70 -1.82
CA LYS D 26 5.77 -2.91 -1.30
C LYS D 26 4.56 -3.85 -1.07
N GLU D 27 3.52 -3.40 -0.37
CA GLU D 27 2.43 -4.36 -0.16
C GLU D 27 1.62 -4.68 -1.46
N PRO D 28 1.24 -5.97 -1.68
CA PRO D 28 1.46 -7.20 -0.86
C PRO D 28 2.88 -7.73 -1.01
N LEU D 29 3.61 -7.72 0.10
CA LEU D 29 4.99 -8.12 0.15
C LEU D 29 5.41 -9.43 -0.52
N LYS D 30 4.53 -10.44 -0.47
CA LYS D 30 4.85 -11.73 -1.05
C LYS D 30 4.80 -11.74 -2.55
N ILE D 31 3.81 -11.02 -3.11
CA ILE D 31 3.72 -10.97 -4.56
C ILE D 31 5.01 -10.31 -5.08
N HIS D 32 5.34 -9.17 -4.47
CA HIS D 32 6.54 -8.42 -4.84
C HIS D 32 7.82 -9.18 -4.55
N GLU D 33 7.82 -9.90 -3.43
CA GLU D 33 9.02 -10.68 -3.10
C GLU D 33 9.26 -11.75 -4.17
N SER D 34 8.19 -12.50 -4.46
CA SER D 34 8.26 -13.51 -5.47
C SER D 34 8.63 -12.83 -6.83
N MET D 35 8.05 -11.67 -7.21
CA MET D 35 8.51 -11.05 -8.46
C MET D 35 10.04 -10.82 -8.39
N ARG D 36 10.52 -10.13 -7.35
CA ARG D 36 11.96 -9.88 -7.29
C ARG D 36 12.80 -11.17 -7.18
N TYR D 37 12.27 -12.23 -6.57
CA TYR D 37 13.03 -13.48 -6.43
C TYR D 37 13.54 -14.03 -7.78
N SER D 38 12.65 -14.04 -8.77
CA SER D 38 12.93 -14.51 -10.11
C SER D 38 13.55 -13.46 -11.03
N LEU D 39 13.21 -12.20 -10.87
CA LEU D 39 13.71 -11.18 -11.78
C LEU D 39 15.13 -10.72 -11.54
N LEU D 40 15.56 -10.75 -10.29
CA LEU D 40 16.92 -10.30 -9.98
C LEU D 40 17.83 -11.50 -9.67
N ALA D 41 17.29 -12.70 -9.90
CA ALA D 41 18.05 -13.93 -9.68
C ALA D 41 19.18 -13.89 -10.72
N GLY D 42 19.03 -13.02 -11.71
CA GLY D 42 20.08 -12.86 -12.66
C GLY D 42 20.37 -13.95 -13.67
N GLY D 43 20.14 -13.63 -14.93
CA GLY D 43 20.45 -14.57 -15.98
C GLY D 43 21.32 -13.77 -16.90
N LYS D 44 21.55 -14.30 -18.07
CA LYS D 44 22.43 -13.62 -19.01
C LYS D 44 21.98 -12.17 -19.38
N ARG D 45 20.66 -11.95 -19.35
CA ARG D 45 20.07 -10.70 -19.74
C ARG D 45 20.30 -10.48 -21.26
N VAL D 46 20.41 -11.55 -22.02
CA VAL D 46 20.53 -11.42 -23.47
C VAL D 46 19.42 -10.47 -24.08
N ARG D 47 18.12 -10.69 -23.80
CA ARG D 47 17.06 -9.87 -24.38
C ARG D 47 17.20 -8.37 -24.10
N PRO D 48 17.44 -7.97 -22.85
CA PRO D 48 17.62 -6.54 -22.52
C PRO D 48 18.81 -6.00 -23.28
N MET D 49 19.86 -6.78 -23.39
CA MET D 49 20.99 -6.28 -24.16
C MET D 49 20.68 -6.20 -25.67
N LEU D 50 19.86 -7.09 -26.21
CA LEU D 50 19.52 -7.03 -27.62
C LEU D 50 18.74 -5.71 -27.88
N CYS D 51 17.81 -5.41 -26.98
CA CYS D 51 17.03 -4.22 -27.08
C CYS D 51 17.83 -2.91 -27.06
N ILE D 52 18.79 -2.81 -26.12
CA ILE D 52 19.59 -1.61 -25.96
C ILE D 52 20.53 -1.49 -27.19
N ALA D 53 21.20 -2.57 -27.53
CA ALA D 53 22.09 -2.61 -28.69
C ALA D 53 21.38 -2.18 -30.00
N ALA D 54 20.13 -2.58 -30.20
CA ALA D 54 19.39 -2.23 -31.40
C ALA D 54 19.01 -0.73 -31.47
N CYS D 55 18.83 -0.13 -30.32
CA CYS D 55 18.45 1.23 -30.20
C CYS D 55 19.69 2.05 -30.45
N GLU D 56 20.80 1.58 -29.93
CA GLU D 56 22.05 2.30 -30.09
C GLU D 56 22.52 2.14 -31.49
N LEU D 57 22.17 1.03 -32.15
CA LEU D 57 22.60 0.79 -33.53
C LEU D 57 22.03 1.84 -34.53
N VAL D 58 20.73 2.13 -34.42
CA VAL D 58 20.11 3.06 -35.31
C VAL D 58 20.29 4.50 -34.86
N GLY D 59 21.08 4.72 -33.82
CA GLY D 59 21.32 6.08 -33.35
C GLY D 59 20.69 6.49 -32.02
N GLY D 60 19.76 5.71 -31.49
CA GLY D 60 19.17 6.11 -30.24
C GLY D 60 20.13 5.88 -29.12
N ASP D 61 19.74 6.21 -27.90
CA ASP D 61 20.65 5.93 -26.81
C ASP D 61 20.01 5.11 -25.67
N GLU D 62 20.88 4.46 -24.90
CA GLU D 62 20.46 3.57 -23.83
C GLU D 62 19.29 4.01 -22.94
N SER D 63 19.33 5.19 -22.37
CA SER D 63 18.23 5.57 -21.49
C SER D 63 16.80 5.68 -22.09
N THR D 64 16.66 5.79 -23.40
CA THR D 64 15.30 5.81 -23.91
C THR D 64 14.85 4.35 -24.04
N ALA D 65 15.79 3.42 -24.25
CA ALA D 65 15.44 2.00 -24.38
C ALA D 65 15.39 1.24 -23.04
N MET D 66 15.95 1.78 -21.97
CA MET D 66 15.95 1.03 -20.76
C MET D 66 14.59 0.55 -20.20
N PRO D 67 13.53 1.40 -20.18
CA PRO D 67 12.29 0.81 -19.63
C PRO D 67 11.81 -0.36 -20.50
N ALA D 68 11.99 -0.23 -21.81
CA ALA D 68 11.61 -1.31 -22.72
C ALA D 68 12.52 -2.54 -22.50
N ALA D 69 13.78 -2.30 -22.21
CA ALA D 69 14.72 -3.40 -22.01
C ALA D 69 14.30 -4.19 -20.76
N CYS D 70 13.87 -3.44 -19.73
CA CYS D 70 13.36 -4.00 -18.49
C CYS D 70 12.10 -4.78 -18.71
N ALA D 71 11.22 -4.27 -19.55
CA ALA D 71 9.94 -4.89 -19.86
C ALA D 71 10.05 -6.21 -20.52
N VAL D 72 11.00 -6.37 -21.43
CA VAL D 72 11.12 -7.65 -22.10
C VAL D 72 11.70 -8.68 -21.14
N GLU D 73 12.61 -8.26 -20.27
CA GLU D 73 13.23 -9.12 -19.29
C GLU D 73 12.18 -9.61 -18.23
N MET D 74 11.24 -8.73 -17.88
CA MET D 74 10.20 -9.08 -16.96
C MET D 74 9.27 -10.12 -17.64
N ILE D 75 8.99 -9.92 -18.92
CA ILE D 75 8.12 -10.84 -19.63
C ILE D 75 8.81 -12.18 -19.76
N HIS D 76 10.10 -12.15 -20.04
CA HIS D 76 10.93 -13.33 -20.13
C HIS D 76 10.90 -14.09 -18.78
N THR D 77 11.11 -13.35 -17.72
CA THR D 77 11.10 -13.96 -16.43
C THR D 77 9.79 -14.60 -16.07
N MET D 78 8.67 -13.96 -16.42
CA MET D 78 7.36 -14.53 -16.12
C MET D 78 7.10 -15.75 -16.94
N SER D 79 7.65 -15.86 -18.15
CA SER D 79 7.43 -17.08 -18.90
C SER D 79 8.24 -18.28 -18.27
N LEU D 80 9.40 -18.00 -17.65
CA LEU D 80 10.12 -19.07 -16.98
C LEU D 80 9.30 -19.47 -15.71
N MET D 81 8.85 -18.50 -14.94
CA MET D 81 8.10 -18.84 -13.74
C MET D 81 6.93 -19.74 -14.09
N HIS D 82 6.24 -19.44 -15.15
CA HIS D 82 5.09 -20.22 -15.57
C HIS D 82 5.50 -21.58 -16.16
N ASP D 83 6.54 -21.56 -16.99
CA ASP D 83 7.12 -22.79 -17.54
C ASP D 83 7.54 -23.82 -16.47
N ASP D 84 8.04 -23.35 -15.33
CA ASP D 84 8.57 -24.26 -14.30
C ASP D 84 7.49 -24.95 -13.47
N LEU D 85 6.25 -24.47 -13.58
CA LEU D 85 5.14 -24.91 -12.74
C LEU D 85 4.80 -26.40 -12.87
N PRO D 86 4.27 -27.01 -11.79
CA PRO D 86 3.91 -28.44 -11.80
C PRO D 86 3.08 -28.89 -12.99
N CYS D 87 2.16 -28.05 -13.46
CA CYS D 87 1.34 -28.37 -14.63
C CYS D 87 2.05 -28.15 -15.98
N MET D 88 3.22 -27.51 -15.95
CA MET D 88 4.06 -27.39 -17.14
C MET D 88 5.25 -28.36 -17.05
N ASP D 89 6.46 -27.84 -16.87
CA ASP D 89 7.65 -28.68 -16.83
C ASP D 89 7.91 -29.30 -15.47
N ASN D 90 7.29 -28.74 -14.42
CA ASN D 90 7.39 -29.26 -13.06
C ASN D 90 8.85 -29.35 -12.63
N ASP D 91 9.56 -28.26 -12.82
CA ASP D 91 10.99 -28.21 -12.52
C ASP D 91 11.23 -27.64 -11.13
N ASP D 92 12.34 -28.03 -10.52
CA ASP D 92 12.63 -27.58 -9.16
C ASP D 92 13.80 -26.60 -9.04
N LEU D 93 14.54 -26.41 -10.14
CA LEU D 93 15.70 -25.50 -10.16
C LEU D 93 15.62 -24.49 -11.32
N ARG D 94 15.93 -23.22 -11.02
CA ARG D 94 15.94 -22.14 -12.02
C ARG D 94 16.81 -20.96 -11.57
N ARG D 95 17.73 -20.78 -12.57
CA ARG D 95 18.65 -19.70 -12.29
C ARG D 95 19.38 -19.90 -10.95
N GLY D 96 19.92 -21.09 -10.66
CA GLY D 96 20.63 -21.29 -9.42
C GLY D 96 19.84 -21.40 -8.12
N LYS D 97 18.51 -21.38 -8.16
CA LYS D 97 17.81 -21.55 -6.94
C LYS D 97 16.50 -22.24 -7.08
N PRO D 98 15.87 -22.61 -5.96
CA PRO D 98 14.57 -23.29 -6.11
C PRO D 98 13.65 -22.50 -7.03
N THR D 99 12.81 -23.21 -7.76
CA THR D 99 11.86 -22.54 -8.63
C THR D 99 10.90 -21.76 -7.70
N ASN D 100 10.30 -20.73 -8.27
CA ASN D 100 9.43 -19.83 -7.55
C ASN D 100 8.33 -20.52 -6.74
N HIS D 101 7.60 -21.44 -7.36
CA HIS D 101 6.48 -22.12 -6.70
C HIS D 101 6.92 -23.03 -5.54
N MET D 102 8.20 -23.38 -5.52
CA MET D 102 8.77 -24.14 -4.40
C MET D 102 9.06 -23.13 -3.29
N ALA D 103 9.56 -21.95 -3.62
CA ALA D 103 9.82 -20.95 -2.60
C ALA D 103 8.52 -20.33 -2.08
N PHE D 104 7.55 -20.05 -2.94
CA PHE D 104 6.33 -19.36 -2.44
C PHE D 104 5.00 -20.08 -2.67
N GLY D 105 5.06 -21.28 -3.23
CA GLY D 105 3.83 -21.98 -3.51
C GLY D 105 3.28 -21.60 -4.88
N GLU D 106 2.47 -22.50 -5.41
CA GLU D 106 1.86 -22.38 -6.70
C GLU D 106 1.16 -21.08 -7.03
N SER D 107 0.27 -20.66 -6.17
CA SER D 107 -0.53 -19.47 -6.37
C SER D 107 0.26 -18.15 -6.46
N VAL D 108 1.15 -17.92 -5.51
CA VAL D 108 1.94 -16.70 -5.54
C VAL D 108 2.79 -16.77 -6.80
N ALA D 109 3.13 -17.97 -7.23
CA ALA D 109 3.93 -18.08 -8.44
C ALA D 109 3.10 -17.69 -9.65
N VAL D 110 1.84 -18.12 -9.73
CA VAL D 110 1.08 -17.74 -10.91
C VAL D 110 0.93 -16.24 -10.95
N LEU D 111 0.47 -15.70 -9.82
CA LEU D 111 0.18 -14.29 -9.68
C LEU D 111 1.33 -13.35 -9.82
N ALA D 112 2.47 -13.74 -9.25
CA ALA D 112 3.64 -12.91 -9.31
C ALA D 112 3.98 -12.81 -10.76
N GLY D 113 3.71 -13.90 -11.50
CA GLY D 113 4.02 -13.92 -12.91
C GLY D 113 3.12 -13.00 -13.72
N ASP D 114 1.83 -13.05 -13.44
CA ASP D 114 0.91 -12.19 -14.16
C ASP D 114 1.18 -10.72 -13.81
N ALA D 115 1.60 -10.45 -12.57
CA ALA D 115 1.91 -9.09 -12.20
C ALA D 115 3.07 -8.60 -13.08
N LEU D 116 4.08 -9.44 -13.33
CA LEU D 116 5.21 -9.00 -14.14
C LEU D 116 4.74 -8.65 -15.54
N LEU D 117 3.85 -9.46 -16.08
CA LEU D 117 3.36 -9.24 -17.40
C LEU D 117 2.69 -7.89 -17.48
N SER D 118 1.91 -7.60 -16.46
CA SER D 118 1.18 -6.36 -16.40
C SER D 118 2.08 -5.15 -16.23
N PHE D 119 3.03 -5.27 -15.31
CA PHE D 119 3.93 -4.19 -15.02
C PHE D 119 4.88 -3.91 -16.17
N ALA D 120 5.09 -4.90 -17.03
CA ALA D 120 5.93 -4.68 -18.19
C ALA D 120 5.28 -3.58 -19.03
N PHE D 121 3.99 -3.71 -19.31
CA PHE D 121 3.30 -2.69 -20.09
C PHE D 121 3.24 -1.33 -19.35
N GLU D 122 2.94 -1.34 -18.05
CA GLU D 122 2.85 -0.11 -17.29
C GLU D 122 4.20 0.54 -17.25
N HIS D 123 5.24 -0.28 -17.12
CA HIS D 123 6.54 0.28 -17.00
C HIS D 123 7.02 0.98 -18.27
N VAL D 124 6.82 0.36 -19.44
CA VAL D 124 7.20 0.95 -20.71
C VAL D 124 6.36 2.19 -20.97
N ALA D 125 5.05 2.07 -20.79
CA ALA D 125 4.14 3.19 -21.00
C ALA D 125 4.30 4.42 -20.08
N ALA D 126 4.72 4.25 -18.85
CA ALA D 126 4.82 5.42 -18.02
C ALA D 126 6.22 5.99 -17.81
N ALA D 127 7.26 5.18 -18.01
CA ALA D 127 8.62 5.63 -17.76
C ALA D 127 9.46 5.96 -18.98
N THR D 128 9.04 5.52 -20.16
CA THR D 128 9.82 5.83 -21.34
C THR D 128 9.80 7.34 -21.54
N LYS D 129 10.96 7.91 -21.75
CA LYS D 129 11.11 9.33 -21.96
C LYS D 129 11.97 9.56 -23.20
N GLY D 130 11.78 10.68 -23.87
CA GLY D 130 12.60 10.89 -25.04
C GLY D 130 12.09 10.19 -26.27
N ALA D 131 10.77 10.00 -26.32
CA ALA D 131 10.12 9.43 -27.47
C ALA D 131 8.69 9.96 -27.49
N PRO D 132 8.14 10.19 -28.68
CA PRO D 132 6.77 10.70 -28.78
C PRO D 132 5.70 9.61 -28.64
N PRO D 133 4.65 9.88 -27.84
CA PRO D 133 3.49 9.04 -27.52
C PRO D 133 3.05 8.06 -28.59
N GLU D 134 2.98 8.52 -29.85
CA GLU D 134 2.57 7.64 -30.97
C GLU D 134 3.67 6.58 -31.09
N ARG D 135 4.89 6.94 -30.77
CA ARG D 135 5.95 5.96 -30.87
C ARG D 135 5.84 4.97 -29.70
N ILE D 136 5.64 5.48 -28.50
CA ILE D 136 5.53 4.58 -27.37
C ILE D 136 4.34 3.66 -27.44
N VAL D 137 3.27 4.07 -28.10
CA VAL D 137 2.10 3.20 -28.21
C VAL D 137 2.40 2.11 -29.29
N ARG D 138 3.11 2.49 -30.34
CA ARG D 138 3.48 1.56 -31.39
C ARG D 138 4.35 0.43 -30.80
N VAL D 139 5.29 0.83 -29.95
CA VAL D 139 6.21 -0.06 -29.29
C VAL D 139 5.48 -1.03 -28.38
N LEU D 140 4.48 -0.53 -27.66
CA LEU D 140 3.68 -1.34 -26.74
C LEU D 140 2.89 -2.38 -27.54
N GLY D 141 2.40 -1.97 -28.69
CA GLY D 141 1.68 -2.87 -29.55
C GLY D 141 2.60 -3.96 -30.08
N GLU D 142 3.82 -3.64 -30.44
CA GLU D 142 4.75 -4.65 -30.93
C GLU D 142 5.13 -5.64 -29.82
N LEU D 143 5.22 -5.11 -28.61
CA LEU D 143 5.56 -5.95 -27.47
C LEU D 143 4.41 -6.96 -27.33
N ALA D 144 3.18 -6.47 -27.37
CA ALA D 144 1.99 -7.33 -27.23
C ALA D 144 1.95 -8.49 -28.17
N VAL D 145 2.22 -8.17 -29.44
CA VAL D 145 2.16 -9.09 -30.52
C VAL D 145 3.25 -10.11 -30.44
N SER D 146 4.42 -9.71 -30.00
CA SER D 146 5.51 -10.64 -29.87
C SER D 146 5.32 -11.64 -28.74
N ILE D 147 4.56 -11.28 -27.72
CA ILE D 147 4.39 -12.18 -26.58
C ILE D 147 3.13 -13.02 -26.45
N GLY D 148 2.11 -12.70 -27.25
CA GLY D 148 0.85 -13.42 -27.15
C GLY D 148 0.60 -14.51 -28.16
N SER D 149 -0.66 -14.66 -28.56
CA SER D 149 -1.11 -15.67 -29.53
C SER D 149 -0.37 -15.86 -30.88
N GLU D 150 0.42 -14.88 -31.27
CA GLU D 150 1.20 -14.99 -32.49
C GLU D 150 2.64 -15.03 -32.13
N GLY D 151 2.93 -15.07 -30.82
CA GLY D 151 4.29 -15.04 -30.34
C GLY D 151 4.66 -16.11 -29.33
N LEU D 152 5.31 -15.64 -28.26
CA LEU D 152 5.80 -16.49 -27.21
C LEU D 152 4.79 -17.56 -26.83
N VAL D 153 3.57 -17.10 -26.46
CA VAL D 153 2.48 -17.95 -26.01
C VAL D 153 2.07 -19.01 -27.00
N ALA D 154 1.97 -18.63 -28.27
CA ALA D 154 1.61 -19.59 -29.30
C ALA D 154 2.64 -20.73 -29.30
N GLY D 155 3.91 -20.38 -29.25
CA GLY D 155 4.96 -21.38 -29.23
C GLY D 155 4.86 -22.27 -28.02
N GLN D 156 4.56 -21.70 -26.86
CA GLN D 156 4.40 -22.49 -25.64
C GLN D 156 3.22 -23.47 -25.69
N VAL D 157 2.08 -23.00 -26.18
CA VAL D 157 0.88 -23.84 -26.24
C VAL D 157 1.10 -25.01 -27.19
N VAL D 158 1.58 -24.71 -28.40
CA VAL D 158 1.84 -25.73 -29.40
C VAL D 158 2.83 -26.75 -28.81
N ASP D 159 3.85 -26.27 -28.11
CA ASP D 159 4.83 -27.13 -27.48
C ASP D 159 4.17 -28.09 -26.46
N VAL D 160 3.27 -27.61 -25.59
CA VAL D 160 2.71 -28.56 -24.65
C VAL D 160 1.70 -29.48 -25.29
N CYS D 161 1.19 -29.09 -26.45
CA CYS D 161 0.22 -29.91 -27.16
C CYS D 161 0.93 -30.87 -28.10
N SER D 162 2.24 -30.89 -28.05
CA SER D 162 2.99 -31.77 -28.93
C SER D 162 3.64 -32.86 -28.13
N GLU D 163 3.57 -32.75 -26.81
CA GLU D 163 4.21 -33.74 -25.99
C GLU D 163 3.30 -34.96 -25.92
N GLY D 164 2.12 -34.83 -26.51
CA GLY D 164 1.20 -35.94 -26.53
C GLY D 164 1.76 -37.10 -27.35
N MET D 165 2.21 -36.83 -28.57
CA MET D 165 2.74 -37.90 -29.40
C MET D 165 4.22 -37.91 -29.73
N ALA D 166 4.74 -39.13 -29.76
CA ALA D 166 6.14 -39.39 -30.09
C ALA D 166 6.29 -39.14 -31.59
N GLU D 167 5.17 -38.98 -32.28
CA GLU D 167 5.16 -38.73 -33.72
C GLU D 167 5.30 -37.24 -34.01
N VAL D 168 6.56 -36.88 -34.20
CA VAL D 168 7.10 -35.54 -34.41
C VAL D 168 7.29 -34.93 -35.81
N GLY D 169 6.35 -34.07 -36.19
CA GLY D 169 6.41 -33.41 -37.47
C GLY D 169 7.59 -32.47 -37.58
N LEU D 170 8.26 -32.52 -38.73
CA LEU D 170 9.40 -31.67 -38.99
C LEU D 170 9.03 -30.22 -38.82
N ASP D 171 7.86 -29.80 -39.32
CA ASP D 171 7.57 -28.43 -39.06
C ASP D 171 6.32 -28.06 -38.32
N HIS D 172 6.27 -28.67 -37.16
CA HIS D 172 5.31 -28.47 -36.12
C HIS D 172 6.42 -28.10 -35.13
N LEU D 173 7.65 -28.45 -35.51
CA LEU D 173 8.83 -28.15 -34.74
C LEU D 173 9.41 -26.79 -35.07
N GLU D 174 9.45 -26.41 -36.34
CA GLU D 174 9.99 -25.08 -36.62
C GLU D 174 9.00 -24.09 -36.06
N PHE D 175 7.70 -24.37 -36.18
CA PHE D 175 6.71 -23.45 -35.65
C PHE D 175 6.96 -23.16 -34.16
N ILE D 176 7.33 -24.20 -33.41
CA ILE D 176 7.60 -24.07 -32.00
C ILE D 176 8.87 -23.25 -31.76
N HIS D 177 9.91 -23.48 -32.56
CA HIS D 177 11.13 -22.73 -32.36
C HIS D 177 10.99 -21.26 -32.70
N HIS D 178 10.31 -20.93 -33.80
CA HIS D 178 10.15 -19.54 -34.13
C HIS D 178 9.24 -18.76 -33.17
N HIS D 179 8.29 -19.43 -32.56
CA HIS D 179 7.44 -18.71 -31.64
C HIS D 179 7.92 -18.81 -30.19
N LYS D 180 8.40 -19.97 -29.79
CA LYS D 180 8.82 -20.15 -28.42
C LYS D 180 9.99 -19.27 -27.99
N THR D 181 11.02 -19.11 -28.81
CA THR D 181 12.17 -18.31 -28.45
C THR D 181 12.48 -17.13 -29.33
N ALA D 182 12.31 -17.27 -30.64
CA ALA D 182 12.59 -16.21 -31.61
C ALA D 182 11.67 -14.99 -31.50
N ALA D 183 10.39 -15.23 -31.30
CA ALA D 183 9.43 -14.15 -31.22
C ALA D 183 9.80 -13.04 -30.26
N LEU D 184 10.27 -13.38 -29.07
CA LEU D 184 10.62 -12.35 -28.07
C LEU D 184 11.96 -11.68 -28.36
N LEU D 185 12.86 -12.39 -29.05
CA LEU D 185 14.14 -11.81 -29.43
C LEU D 185 13.87 -10.73 -30.49
N GLN D 186 12.94 -11.02 -31.39
CA GLN D 186 12.59 -10.05 -32.41
C GLN D 186 11.97 -8.82 -31.73
N GLY D 187 11.09 -9.08 -30.76
CA GLY D 187 10.40 -8.03 -30.03
C GLY D 187 11.40 -7.12 -29.35
N SER D 188 12.46 -7.71 -28.80
CA SER D 188 13.48 -6.93 -28.11
C SER D 188 14.22 -6.04 -29.05
N VAL D 189 14.61 -6.62 -30.19
CA VAL D 189 15.32 -5.92 -31.26
C VAL D 189 14.47 -4.79 -31.88
N VAL D 190 13.20 -5.07 -32.14
CA VAL D 190 12.31 -4.08 -32.71
C VAL D 190 11.94 -2.91 -31.75
N LEU D 191 11.70 -3.21 -30.47
CA LEU D 191 11.31 -2.14 -29.55
C LEU D 191 12.42 -1.10 -29.51
N GLY D 192 13.65 -1.57 -29.38
CA GLY D 192 14.79 -0.67 -29.37
C GLY D 192 15.07 -0.01 -30.71
N ALA D 193 14.92 -0.74 -31.81
CA ALA D 193 15.14 -0.14 -33.16
C ALA D 193 14.13 1.01 -33.40
N ILE D 194 12.87 0.76 -33.08
CA ILE D 194 11.85 1.75 -33.23
C ILE D 194 12.14 2.89 -32.26
N LEU D 195 12.42 2.58 -31.00
CA LEU D 195 12.66 3.63 -30.02
C LEU D 195 13.84 4.54 -30.42
N GLY D 196 14.92 3.93 -30.89
CA GLY D 196 16.05 4.72 -31.33
C GLY D 196 15.78 5.55 -32.58
N GLY D 197 14.59 5.43 -33.17
CA GLY D 197 14.24 6.18 -34.37
C GLY D 197 14.58 5.45 -35.67
N GLY D 198 14.90 4.17 -35.58
CA GLY D 198 15.21 3.46 -36.79
C GLY D 198 14.11 3.60 -37.82
N LYS D 199 14.53 3.67 -39.08
CA LYS D 199 13.64 3.78 -40.25
C LYS D 199 13.08 2.39 -40.49
N GLU D 200 11.94 2.31 -41.14
CA GLU D 200 11.33 1.02 -41.39
C GLU D 200 12.17 -0.13 -41.94
N GLU D 201 12.99 0.14 -42.95
CA GLU D 201 13.81 -0.91 -43.55
C GLU D 201 14.85 -1.43 -42.53
N GLU D 202 15.33 -0.55 -41.63
CA GLU D 202 16.32 -0.96 -40.63
C GLU D 202 15.60 -1.90 -39.68
N VAL D 203 14.38 -1.52 -39.28
CA VAL D 203 13.54 -2.34 -38.41
C VAL D 203 13.33 -3.74 -39.07
N ALA D 204 12.87 -3.74 -40.30
CA ALA D 204 12.63 -4.99 -41.00
C ALA D 204 13.89 -5.83 -41.12
N LYS D 205 15.05 -5.22 -41.28
CA LYS D 205 16.20 -6.04 -41.42
C LYS D 205 16.60 -6.65 -40.10
N LEU D 206 16.33 -5.92 -39.01
CA LEU D 206 16.65 -6.38 -37.66
C LEU D 206 15.71 -7.49 -37.26
N ARG D 207 14.48 -7.39 -37.77
CA ARG D 207 13.48 -8.38 -37.48
C ARG D 207 13.99 -9.68 -38.08
N LYS D 208 14.37 -9.66 -39.35
CA LYS D 208 14.86 -10.85 -40.00
C LYS D 208 16.10 -11.36 -39.28
N PHE D 209 16.91 -10.44 -38.75
CA PHE D 209 18.10 -10.84 -38.04
C PHE D 209 17.76 -11.51 -36.68
N ALA D 210 16.76 -10.98 -35.98
CA ALA D 210 16.40 -11.57 -34.71
C ALA D 210 15.86 -12.97 -34.92
N ASN D 211 15.21 -13.21 -36.07
CA ASN D 211 14.65 -14.51 -36.33
C ASN D 211 15.75 -15.56 -36.45
N CYS D 212 16.90 -15.18 -36.98
CA CYS D 212 17.98 -16.15 -37.07
C CYS D 212 18.64 -16.41 -35.72
N ILE D 213 18.96 -15.38 -34.93
CA ILE D 213 19.60 -15.70 -33.66
C ILE D 213 18.60 -16.29 -32.71
N GLY D 214 17.32 -16.10 -33.01
CA GLY D 214 16.24 -16.67 -32.22
C GLY D 214 16.14 -18.16 -32.49
N LEU D 215 16.18 -18.55 -33.76
CA LEU D 215 16.16 -19.96 -34.06
C LEU D 215 17.46 -20.57 -33.47
N LEU D 216 18.55 -19.81 -33.50
CA LEU D 216 19.84 -20.23 -32.97
C LEU D 216 19.79 -20.45 -31.47
N PHE D 217 19.16 -19.50 -30.78
CA PHE D 217 19.06 -19.54 -29.34
C PHE D 217 18.50 -20.84 -28.82
N GLN D 218 17.39 -21.24 -29.41
CA GLN D 218 16.74 -22.46 -28.99
C GLN D 218 17.60 -23.66 -29.37
N VAL D 219 18.32 -23.58 -30.48
CA VAL D 219 19.12 -24.71 -30.83
C VAL D 219 20.25 -24.88 -29.88
N VAL D 220 20.87 -23.78 -29.47
CA VAL D 220 21.95 -23.93 -28.53
C VAL D 220 21.43 -24.44 -27.19
N ASP D 221 20.27 -23.94 -26.77
CA ASP D 221 19.66 -24.36 -25.50
C ASP D 221 19.35 -25.84 -25.52
N ASP D 222 18.90 -26.33 -26.66
CA ASP D 222 18.63 -27.75 -26.72
C ASP D 222 19.97 -28.53 -26.64
N ILE D 223 21.05 -27.94 -27.16
CA ILE D 223 22.31 -28.65 -27.06
C ILE D 223 22.77 -28.71 -25.59
N LEU D 224 22.93 -27.54 -24.96
CA LEU D 224 23.41 -27.49 -23.59
C LEU D 224 22.64 -28.40 -22.62
N ASP D 225 21.35 -28.54 -22.88
CA ASP D 225 20.54 -29.39 -22.02
C ASP D 225 21.13 -30.79 -21.98
N VAL D 226 21.39 -31.34 -23.15
CA VAL D 226 21.89 -32.69 -23.21
C VAL D 226 23.41 -32.77 -23.26
N THR D 227 24.08 -31.82 -22.61
CA THR D 227 25.54 -31.79 -22.59
C THR D 227 26.08 -31.00 -21.41
N LYS D 228 25.18 -30.66 -20.52
CA LYS D 228 25.54 -29.91 -19.35
C LYS D 228 24.69 -30.42 -18.21
N SER D 229 25.14 -30.12 -17.01
CA SER D 229 24.45 -30.52 -15.78
C SER D 229 23.65 -29.35 -15.17
N SER D 230 22.66 -29.70 -14.35
CA SER D 230 21.87 -28.72 -13.66
C SER D 230 22.67 -27.64 -12.97
N LYS D 231 23.76 -28.00 -12.28
CA LYS D 231 24.51 -27.00 -11.57
C LYS D 231 25.13 -25.98 -12.49
N GLU D 232 25.50 -26.42 -13.69
CA GLU D 232 26.12 -25.56 -14.71
C GLU D 232 25.15 -24.62 -15.40
N LEU D 233 24.03 -25.16 -15.80
CA LEU D 233 22.99 -24.43 -16.43
C LEU D 233 22.21 -23.55 -15.45
N GLY D 234 22.19 -23.82 -14.17
CA GLY D 234 21.37 -23.17 -13.16
C GLY D 234 19.93 -23.64 -13.13
N LYS D 235 19.62 -24.63 -13.97
CA LYS D 235 18.26 -25.17 -14.07
C LYS D 235 18.28 -26.69 -14.24
N THR D 236 17.15 -27.32 -13.92
CA THR D 236 16.96 -28.75 -14.14
C THR D 236 17.12 -29.05 -15.65
N ALA D 237 18.09 -29.91 -15.96
CA ALA D 237 18.48 -30.18 -17.34
C ALA D 237 18.37 -31.67 -17.70
N GLY D 238 18.33 -31.96 -19.00
CA GLY D 238 18.28 -33.34 -19.50
C GLY D 238 16.87 -33.92 -19.56
N LYS D 239 15.92 -33.17 -19.00
CA LYS D 239 14.51 -33.58 -18.97
C LYS D 239 13.86 -33.69 -20.36
N ASP D 240 14.55 -33.17 -21.38
CA ASP D 240 14.14 -33.34 -22.77
C ASP D 240 14.21 -34.80 -23.20
N LEU D 241 15.03 -35.58 -22.50
CA LEU D 241 15.12 -37.03 -22.72
C LEU D 241 14.02 -37.77 -21.98
N VAL D 242 13.74 -37.36 -20.75
CA VAL D 242 12.73 -38.02 -19.91
C VAL D 242 11.32 -37.46 -20.16
N ALA D 243 11.10 -36.81 -21.44
CA ALA D 243 9.87 -36.19 -21.88
C ALA D 243 9.74 -36.28 -23.38
N ASP D 244 8.70 -36.95 -23.85
CA ASP D 244 8.49 -37.02 -25.29
C ASP D 244 8.32 -35.58 -25.74
N LYS D 245 9.44 -34.88 -25.91
CA LYS D 245 9.47 -33.49 -26.30
C LYS D 245 10.53 -33.36 -27.37
N THR D 246 10.10 -33.11 -28.59
CA THR D 246 11.04 -33.03 -29.68
C THR D 246 12.01 -31.83 -29.67
N THR D 247 13.31 -32.16 -29.60
CA THR D 247 14.37 -31.18 -29.64
C THR D 247 15.21 -31.61 -30.86
N TYR D 248 16.13 -30.75 -31.29
CA TYR D 248 16.98 -31.07 -32.45
C TYR D 248 17.96 -32.21 -32.20
N PRO D 249 18.65 -32.20 -31.06
CA PRO D 249 19.60 -33.31 -30.84
C PRO D 249 18.88 -34.66 -30.95
N LYS D 250 17.64 -34.70 -30.47
CA LYS D 250 16.88 -35.91 -30.56
C LYS D 250 16.59 -36.18 -32.03
N LEU D 251 16.11 -35.16 -32.74
CA LEU D 251 15.79 -35.34 -34.13
C LEU D 251 16.96 -35.49 -35.09
N ILE D 252 18.13 -34.94 -34.76
CA ILE D 252 19.27 -35.09 -35.67
C ILE D 252 20.61 -35.23 -34.94
N GLY D 253 20.58 -35.65 -33.67
CA GLY D 253 21.81 -35.78 -32.93
C GLY D 253 22.46 -34.43 -32.57
N VAL D 254 23.52 -34.47 -31.79
CA VAL D 254 24.22 -33.28 -31.37
C VAL D 254 25.17 -32.67 -32.36
N GLU D 255 25.86 -33.48 -33.14
CA GLU D 255 26.80 -32.92 -34.10
C GLU D 255 26.14 -32.18 -35.26
N LYS D 256 25.05 -32.71 -35.76
CA LYS D 256 24.36 -32.06 -36.85
C LYS D 256 23.67 -30.81 -36.31
N SER D 257 23.40 -30.83 -35.00
CA SER D 257 22.74 -29.70 -34.32
C SER D 257 23.75 -28.60 -34.13
N LYS D 258 24.98 -28.93 -33.74
CA LYS D 258 25.97 -27.87 -33.57
C LYS D 258 26.27 -27.23 -34.94
N GLU D 259 26.29 -28.09 -35.95
CA GLU D 259 26.58 -27.74 -37.31
C GLU D 259 25.49 -26.74 -37.75
N PHE D 260 24.25 -27.07 -37.41
CA PHE D 260 23.11 -26.22 -37.74
C PHE D 260 23.25 -24.88 -37.00
N ALA D 261 23.80 -24.92 -35.79
CA ALA D 261 24.01 -23.72 -35.01
C ALA D 261 24.93 -22.75 -35.76
N ASP D 262 26.13 -23.19 -36.11
CA ASP D 262 27.04 -22.32 -36.86
C ASP D 262 26.45 -21.84 -38.15
N ARG D 263 25.68 -22.68 -38.79
CA ARG D 263 25.05 -22.24 -39.99
C ARG D 263 24.12 -21.07 -39.62
N LEU D 264 23.38 -21.18 -38.52
CA LEU D 264 22.46 -20.10 -38.12
C LEU D 264 23.18 -18.80 -37.77
N ASN D 265 24.26 -18.93 -37.00
CA ASN D 265 25.07 -17.81 -36.59
C ASN D 265 25.71 -17.14 -37.84
N ARG D 266 26.10 -17.91 -38.84
CA ARG D 266 26.70 -17.32 -40.03
C ARG D 266 25.67 -16.53 -40.82
N GLU D 267 24.46 -17.08 -40.92
CA GLU D 267 23.38 -16.41 -41.60
C GLU D 267 23.01 -15.15 -40.81
N ALA D 268 23.08 -15.22 -39.49
CA ALA D 268 22.77 -14.07 -38.66
C ALA D 268 23.67 -12.89 -39.01
N GLN D 269 24.96 -13.16 -38.97
CA GLN D 269 25.94 -12.14 -39.24
C GLN D 269 25.94 -11.64 -40.67
N GLU D 270 25.41 -12.47 -41.57
CA GLU D 270 25.32 -12.11 -42.98
C GLU D 270 24.29 -10.99 -43.09
N GLN D 271 23.20 -11.14 -42.35
CA GLN D 271 22.13 -10.15 -42.33
C GLN D 271 22.57 -8.78 -41.83
N LEU D 272 23.58 -8.73 -40.97
CA LEU D 272 24.05 -7.44 -40.45
C LEU D 272 25.09 -6.80 -41.37
N LEU D 273 25.43 -7.45 -42.48
CA LEU D 273 26.35 -6.84 -43.43
C LEU D 273 25.58 -5.59 -43.95
N HIS D 274 24.32 -5.51 -43.59
CA HIS D 274 23.44 -4.40 -43.95
C HIS D 274 23.88 -3.07 -43.35
N PHE D 275 24.39 -3.14 -42.12
CA PHE D 275 24.87 -2.00 -41.38
C PHE D 275 26.36 -1.91 -41.47
N HIS D 276 26.92 -0.73 -41.14
CA HIS D 276 28.35 -0.50 -41.13
C HIS D 276 28.98 -1.46 -40.07
N PRO D 277 30.13 -2.03 -40.37
CA PRO D 277 30.72 -2.96 -39.40
C PRO D 277 31.05 -2.46 -38.01
N HIS D 278 31.08 -1.14 -37.89
CA HIS D 278 31.38 -0.52 -36.63
C HIS D 278 30.11 -0.46 -35.82
N ARG D 279 29.01 -0.08 -36.41
CA ARG D 279 27.74 -0.02 -35.70
C ARG D 279 27.36 -1.42 -35.29
N ALA D 280 27.57 -2.35 -36.19
CA ALA D 280 27.21 -3.75 -36.00
C ALA D 280 27.94 -4.56 -34.92
N ALA D 281 29.14 -4.18 -34.52
CA ALA D 281 29.91 -4.96 -33.57
C ALA D 281 29.18 -5.49 -32.30
N PRO D 282 28.31 -4.68 -31.68
CA PRO D 282 27.66 -5.25 -30.49
C PRO D 282 26.77 -6.42 -30.87
N LEU D 283 25.99 -6.27 -31.95
CA LEU D 283 25.08 -7.34 -32.38
C LEU D 283 25.82 -8.59 -32.76
N ILE D 284 26.94 -8.41 -33.45
CA ILE D 284 27.76 -9.52 -33.87
C ILE D 284 28.35 -10.21 -32.64
N ALA D 285 28.81 -9.41 -31.67
CA ALA D 285 29.35 -9.98 -30.45
C ALA D 285 28.23 -10.74 -29.78
N LEU D 286 27.02 -10.16 -29.81
CA LEU D 286 25.89 -10.83 -29.19
C LEU D 286 25.46 -12.08 -29.98
N ALA D 287 25.68 -12.09 -31.29
CA ALA D 287 25.27 -13.27 -32.01
C ALA D 287 26.20 -14.41 -31.59
N ASN D 288 27.48 -14.10 -31.42
CA ASN D 288 28.47 -15.07 -31.03
C ASN D 288 28.32 -15.56 -29.61
N TYR D 289 27.98 -14.67 -28.68
CA TYR D 289 27.78 -15.13 -27.32
C TYR D 289 26.56 -16.11 -27.26
N ILE D 290 25.45 -15.75 -27.92
CA ILE D 290 24.26 -16.59 -27.96
C ILE D 290 24.71 -17.95 -28.52
N ALA D 291 25.72 -17.95 -29.40
CA ALA D 291 26.20 -19.18 -30.02
C ALA D 291 27.24 -20.04 -29.27
N TYR D 292 28.12 -19.52 -28.47
CA TYR D 292 29.22 -20.18 -27.76
C TYR D 292 29.19 -20.02 -26.24
N ARG D 293 28.05 -19.48 -25.67
CA ARG D 293 27.87 -19.38 -24.24
C ARG D 293 27.94 -20.79 -23.65
N ASP D 294 28.54 -20.88 -22.47
CA ASP D 294 28.67 -22.15 -21.77
C ASP D 294 27.44 -22.40 -20.87
N ASN D 295 26.53 -21.44 -20.84
CA ASN D 295 25.27 -21.56 -20.05
C ASN D 295 24.18 -20.57 -20.56
C1 IPE E . 15.54 -19.51 -21.36
O1 IPE E . 16.20 -18.26 -21.52
C2 IPE E . 14.48 -19.65 -22.46
C3 IPE E . 14.58 -20.38 -23.62
C4 IPE E . 15.79 -21.21 -24.06
C5 IPE E . 13.42 -20.35 -24.56
PA IPE E . 17.60 -17.93 -20.92
O1A IPE E . 18.52 -19.15 -21.21
O2A IPE E . 17.91 -16.59 -21.50
O3A IPE E . 17.83 -17.88 -19.40
PB IPE E . 18.20 -16.71 -18.50
O1B IPE E . 17.24 -15.52 -18.31
O2B IPE E . 19.63 -16.31 -18.77
O3B IPE E . 18.24 -17.19 -17.04
O4 DST F . 13.00 -24.63 -19.00
P1 DST F . 13.87 -24.21 -20.14
O6 DST F . 14.81 -25.44 -20.18
O5 DST F . 14.76 -23.09 -19.78
O2 DST F . 13.25 -23.89 -21.48
P3 DST F . 12.07 -24.63 -22.14
O8 DST F . 12.67 -25.39 -23.31
O7 DST F . 11.29 -25.29 -20.93
S9 DST F . 10.85 -23.21 -22.91
C10 DST F . 11.23 -21.63 -22.11
C11 DST F . 10.02 -20.73 -21.92
C12 DST F . 9.54 -19.83 -22.84
C13 DST F . 8.34 -19.00 -22.48
C14 DST F . 10.19 -19.63 -24.21
MG MG G . 8.84 -26.05 -21.34
MG MG H . 11.47 -25.87 -18.70
#